data_2BD0
#
_entry.id   2BD0
#
_cell.length_a   84.359
_cell.length_b   97.482
_cell.length_c   123.240
_cell.angle_alpha   90.00
_cell.angle_beta   90.00
_cell.angle_gamma   90.00
#
_symmetry.space_group_name_H-M   'P 21 21 21'
#
loop_
_entity.id
_entity.type
_entity.pdbx_description
1 polymer 'sepiapterin reductase'
2 non-polymer 'NADP NICOTINAMIDE-ADENINE-DINUCLEOTIDE PHOSPHATE'
3 non-polymer BIOPTERIN
4 water water
#
_entity_poly.entity_id   1
_entity_poly.type   'polypeptide(L)'
_entity_poly.pdbx_seq_one_letter_code
;MKHILLITGAGKGIGRAIALEFARAARHHPDFEPVLVLSSRTAADLEKISLECRAEGALTDTITADISDMADVRRLTTHI
VERYGHIDCLVNNAGVGRFGALSDLTEEDFDYTMNTNLKGTFFLTQALFALMERQHSGHIFFITSVAATKAFRHSSIYCM
SKFGQRGLVETMRLYARKCNVRITDVQPGAVYTPMWGKVDDEMQALMMMPEDIAAPVVQAYLQPSRTVVEEIILRPTSGD
IQDD
;
_entity_poly.pdbx_strand_id   A,B,C,D
#
# COMPACT_ATOMS: atom_id res chain seq x y z
N LYS A 2 -11.59 -26.04 -26.59
CA LYS A 2 -10.20 -25.53 -26.79
C LYS A 2 -10.01 -24.16 -26.14
N HIS A 3 -8.92 -24.01 -25.39
CA HIS A 3 -8.58 -22.74 -24.75
C HIS A 3 -7.41 -22.15 -25.52
N ILE A 4 -7.52 -20.88 -25.90
CA ILE A 4 -6.44 -20.23 -26.63
C ILE A 4 -5.65 -19.36 -25.67
N LEU A 5 -4.40 -19.76 -25.40
CA LEU A 5 -3.56 -19.01 -24.48
C LEU A 5 -2.29 -18.50 -25.15
N LEU A 6 -2.02 -17.19 -24.99
CA LEU A 6 -0.82 -16.59 -25.55
C LEU A 6 0.13 -16.28 -24.41
N ILE A 7 1.35 -16.78 -24.51
CA ILE A 7 2.36 -16.54 -23.47
C ILE A 7 3.58 -15.85 -24.08
N THR A 8 3.83 -14.62 -23.67
CA THR A 8 4.98 -13.89 -24.19
C THR A 8 6.21 -14.26 -23.36
N GLY A 9 7.39 -14.20 -23.98
CA GLY A 9 8.60 -14.56 -23.26
C GLY A 9 8.57 -16.03 -22.89
N ALA A 10 7.98 -16.86 -23.76
CA ALA A 10 7.84 -18.29 -23.50
C ALA A 10 9.09 -19.13 -23.71
N GLY A 11 10.15 -18.54 -24.28
CA GLY A 11 11.35 -19.30 -24.54
C GLY A 11 12.30 -19.56 -23.39
N LYS A 12 12.25 -18.72 -22.36
CA LYS A 12 13.15 -18.86 -21.22
C LYS A 12 12.44 -18.63 -19.88
N GLY A 13 13.16 -18.97 -18.81
CA GLY A 13 12.70 -18.77 -17.45
C GLY A 13 11.24 -18.98 -17.05
N ILE A 14 10.65 -17.95 -16.45
CA ILE A 14 9.28 -18.02 -15.98
C ILE A 14 8.27 -18.32 -17.09
N GLY A 15 8.40 -17.62 -18.21
CA GLY A 15 7.48 -17.85 -19.31
C GLY A 15 7.50 -19.29 -19.77
N ARG A 16 8.70 -19.85 -19.91
CA ARG A 16 8.87 -21.23 -20.33
C ARG A 16 8.22 -22.18 -19.32
N ALA A 17 8.40 -21.91 -18.03
CA ALA A 17 7.82 -22.74 -16.99
C ALA A 17 6.30 -22.69 -17.01
N ILE A 18 5.74 -21.53 -17.30
CA ILE A 18 4.29 -21.38 -17.35
C ILE A 18 3.73 -22.22 -18.50
N ALA A 19 4.39 -22.15 -19.65
CA ALA A 19 3.95 -22.91 -20.81
C ALA A 19 3.93 -24.41 -20.49
N LEU A 20 5.02 -24.91 -19.93
CA LEU A 20 5.11 -26.33 -19.59
C LEU A 20 4.06 -26.76 -18.55
N GLU A 21 3.86 -25.93 -17.54
CA GLU A 21 2.88 -26.23 -16.49
C GLU A 21 1.46 -26.29 -17.05
N PHE A 22 1.14 -25.43 -18.00
CA PHE A 22 -0.20 -25.44 -18.60
C PHE A 22 -0.37 -26.77 -19.36
N ALA A 23 0.67 -27.16 -20.07
CA ALA A 23 0.64 -28.40 -20.84
C ALA A 23 0.44 -29.59 -19.89
N ARG A 24 1.17 -29.59 -18.78
CA ARG A 24 1.06 -30.68 -17.81
C ARG A 24 -0.27 -30.71 -17.07
N ALA A 25 -0.86 -29.54 -16.83
CA ALA A 25 -2.13 -29.45 -16.14
C ALA A 25 -3.29 -30.09 -16.90
N ALA A 26 -3.21 -30.07 -18.23
CA ALA A 26 -4.26 -30.65 -19.06
C ALA A 26 -4.48 -32.13 -18.80
N ARG A 27 -3.50 -32.77 -18.17
CA ARG A 27 -3.57 -34.19 -17.86
C ARG A 27 -4.61 -34.54 -16.80
N HIS A 28 -4.83 -33.62 -15.86
CA HIS A 28 -5.79 -33.84 -14.78
C HIS A 28 -7.14 -33.21 -15.08
N HIS A 29 -7.23 -32.51 -16.19
CA HIS A 29 -8.47 -31.85 -16.61
C HIS A 29 -8.80 -32.29 -18.03
N PRO A 30 -9.50 -33.42 -18.17
CA PRO A 30 -9.90 -33.97 -19.47
C PRO A 30 -10.67 -33.04 -20.39
N ASP A 31 -11.32 -32.03 -19.81
CA ASP A 31 -12.10 -31.08 -20.59
C ASP A 31 -11.29 -29.82 -20.90
N PHE A 32 -10.02 -29.81 -20.48
CA PHE A 32 -9.14 -28.67 -20.73
C PHE A 32 -8.17 -28.98 -21.84
N GLU A 33 -8.44 -28.45 -23.02
CA GLU A 33 -7.57 -28.67 -24.17
C GLU A 33 -6.97 -27.32 -24.58
N PRO A 34 -5.76 -27.03 -24.09
CA PRO A 34 -5.10 -25.77 -24.40
C PRO A 34 -4.30 -25.73 -25.70
N VAL A 35 -4.40 -24.59 -26.38
CA VAL A 35 -3.63 -24.34 -27.59
C VAL A 35 -2.67 -23.28 -27.10
N LEU A 36 -1.40 -23.66 -26.92
CA LEU A 36 -0.40 -22.75 -26.42
C LEU A 36 0.30 -21.95 -27.51
N VAL A 37 -0.04 -20.66 -27.60
CA VAL A 37 0.60 -19.80 -28.58
C VAL A 37 1.79 -19.24 -27.82
N LEU A 38 2.99 -19.67 -28.23
CA LEU A 38 4.22 -19.27 -27.57
C LEU A 38 4.99 -18.22 -28.37
N SER A 39 5.38 -17.14 -27.69
CA SER A 39 6.10 -16.08 -28.36
C SER A 39 7.30 -15.56 -27.58
N SER A 40 8.30 -15.09 -28.30
CA SER A 40 9.52 -14.52 -27.74
C SER A 40 10.33 -14.02 -28.93
N ARG A 41 11.52 -13.47 -28.66
CA ARG A 41 12.36 -12.94 -29.74
C ARG A 41 13.25 -13.96 -30.42
N THR A 42 13.36 -15.15 -29.84
CA THR A 42 14.24 -16.18 -30.38
C THR A 42 13.50 -17.43 -30.85
N ALA A 43 13.40 -17.60 -32.17
CA ALA A 43 12.72 -18.75 -32.76
C ALA A 43 13.25 -20.08 -32.25
N ALA A 44 14.57 -20.15 -32.05
CA ALA A 44 15.20 -21.39 -31.57
C ALA A 44 14.66 -21.82 -30.21
N ASP A 45 14.44 -20.85 -29.33
CA ASP A 45 13.91 -21.14 -28.00
C ASP A 45 12.47 -21.64 -28.10
N LEU A 46 11.70 -21.02 -28.99
CA LEU A 46 10.31 -21.38 -29.18
C LEU A 46 10.12 -22.81 -29.69
N GLU A 47 10.99 -23.23 -30.60
CA GLU A 47 10.91 -24.58 -31.14
C GLU A 47 11.14 -25.57 -30.02
N LYS A 48 12.12 -25.28 -29.17
CA LYS A 48 12.47 -26.13 -28.04
C LYS A 48 11.31 -26.29 -27.05
N ILE A 49 10.77 -25.18 -26.56
CA ILE A 49 9.68 -25.26 -25.60
C ILE A 49 8.42 -25.84 -26.26
N SER A 50 8.24 -25.56 -27.55
CA SER A 50 7.11 -26.09 -28.29
C SER A 50 7.13 -27.62 -28.26
N LEU A 51 8.30 -28.18 -28.54
CA LEU A 51 8.44 -29.65 -28.54
C LEU A 51 8.18 -30.23 -27.16
N GLU A 52 8.73 -29.60 -26.12
CA GLU A 52 8.52 -30.08 -24.76
C GLU A 52 7.04 -30.06 -24.38
N CYS A 53 6.31 -29.05 -24.85
CA CYS A 53 4.89 -28.95 -24.56
C CYS A 53 4.08 -29.98 -25.33
N ARG A 54 4.43 -30.21 -26.59
CA ARG A 54 3.72 -31.20 -27.38
C ARG A 54 3.98 -32.59 -26.82
N ALA A 55 5.14 -32.76 -26.20
CA ALA A 55 5.50 -34.04 -25.59
C ALA A 55 4.60 -34.29 -24.38
N GLU A 56 4.01 -33.22 -23.85
CA GLU A 56 3.11 -33.33 -22.70
C GLU A 56 1.68 -33.50 -23.20
N GLY A 57 1.50 -33.51 -24.51
CA GLY A 57 0.18 -33.68 -25.09
C GLY A 57 -0.59 -32.39 -25.37
N ALA A 58 0.12 -31.26 -25.42
CA ALA A 58 -0.54 -30.00 -25.68
C ALA A 58 -0.34 -29.53 -27.12
N LEU A 59 -1.32 -28.79 -27.63
CA LEU A 59 -1.25 -28.23 -28.97
C LEU A 59 -0.47 -26.93 -28.82
N THR A 60 0.43 -26.66 -29.76
CA THR A 60 1.23 -25.45 -29.70
C THR A 60 1.25 -24.68 -31.01
N ASP A 61 1.66 -23.42 -30.92
CA ASP A 61 1.75 -22.54 -32.07
C ASP A 61 2.81 -21.51 -31.71
N THR A 62 3.90 -21.50 -32.46
CA THR A 62 4.99 -20.58 -32.18
C THR A 62 4.96 -19.36 -33.10
N ILE A 63 5.34 -18.23 -32.55
CA ILE A 63 5.38 -16.98 -33.30
C ILE A 63 6.48 -16.12 -32.71
N THR A 64 7.47 -15.78 -33.55
CA THR A 64 8.59 -14.95 -33.12
C THR A 64 8.17 -13.50 -33.18
N ALA A 65 8.32 -12.79 -32.08
CA ALA A 65 7.94 -11.39 -32.04
C ALA A 65 8.62 -10.64 -30.91
N ASP A 66 9.01 -9.40 -31.19
CA ASP A 66 9.65 -8.53 -30.22
C ASP A 66 8.57 -7.51 -29.86
N ILE A 67 7.99 -7.60 -28.67
CA ILE A 67 6.92 -6.66 -28.35
C ILE A 67 7.36 -5.21 -28.19
N SER A 68 8.67 -4.95 -28.25
CA SER A 68 9.14 -3.56 -28.15
C SER A 68 9.03 -2.91 -29.53
N ASP A 69 8.77 -3.72 -30.53
CA ASP A 69 8.61 -3.25 -31.90
C ASP A 69 7.11 -3.25 -32.16
N MET A 70 6.52 -2.07 -32.32
CA MET A 70 5.08 -1.97 -32.54
C MET A 70 4.60 -2.78 -33.73
N ALA A 71 5.45 -2.91 -34.75
CA ALA A 71 5.10 -3.68 -35.94
C ALA A 71 4.87 -5.14 -35.57
N ASP A 72 5.68 -5.66 -34.65
CA ASP A 72 5.55 -7.04 -34.21
C ASP A 72 4.31 -7.20 -33.33
N VAL A 73 3.99 -6.17 -32.55
CA VAL A 73 2.80 -6.22 -31.70
C VAL A 73 1.59 -6.34 -32.64
N ARG A 74 1.64 -5.59 -33.75
CA ARG A 74 0.57 -5.62 -34.74
C ARG A 74 0.43 -7.02 -35.35
N ARG A 75 1.55 -7.60 -35.77
CA ARG A 75 1.53 -8.92 -36.40
C ARG A 75 1.10 -10.01 -35.42
N LEU A 76 1.51 -9.87 -34.16
CA LEU A 76 1.16 -10.83 -33.14
C LEU A 76 -0.35 -10.79 -32.95
N THR A 77 -0.88 -9.57 -32.82
CA THR A 77 -2.31 -9.38 -32.62
C THR A 77 -3.06 -9.91 -33.84
N THR A 78 -2.56 -9.60 -35.03
CA THR A 78 -3.18 -10.06 -36.27
C THR A 78 -3.25 -11.59 -36.29
N HIS A 79 -2.16 -12.22 -35.85
CA HIS A 79 -2.10 -13.68 -35.82
C HIS A 79 -3.26 -14.24 -35.00
N ILE A 80 -3.43 -13.74 -33.78
CA ILE A 80 -4.49 -14.22 -32.92
C ILE A 80 -5.87 -14.02 -33.54
N VAL A 81 -6.11 -12.83 -34.09
CA VAL A 81 -7.39 -12.53 -34.70
C VAL A 81 -7.70 -13.40 -35.91
N GLU A 82 -6.72 -13.57 -36.79
CA GLU A 82 -6.90 -14.35 -38.00
C GLU A 82 -6.89 -15.86 -37.80
N ARG A 83 -5.97 -16.35 -36.99
CA ARG A 83 -5.86 -17.79 -36.76
C ARG A 83 -6.90 -18.33 -35.79
N TYR A 84 -7.24 -17.55 -34.77
CA TYR A 84 -8.22 -18.00 -33.77
C TYR A 84 -9.46 -17.11 -33.60
N GLY A 85 -9.28 -15.80 -33.80
CA GLY A 85 -10.39 -14.87 -33.66
C GLY A 85 -10.97 -14.90 -32.24
N HIS A 86 -10.20 -15.43 -31.31
CA HIS A 86 -10.62 -15.56 -29.93
C HIS A 86 -9.38 -15.75 -29.07
N ILE A 87 -9.38 -15.18 -27.86
CA ILE A 87 -8.25 -15.37 -26.95
C ILE A 87 -8.80 -15.55 -25.53
N ASP A 88 -8.41 -16.65 -24.91
CA ASP A 88 -8.88 -16.96 -23.56
C ASP A 88 -7.94 -16.52 -22.46
N CYS A 89 -6.66 -16.46 -22.76
CA CYS A 89 -5.68 -16.07 -21.76
C CYS A 89 -4.46 -15.42 -22.36
N LEU A 90 -4.06 -14.31 -21.76
CA LEU A 90 -2.87 -13.59 -22.19
C LEU A 90 -1.96 -13.55 -20.97
N VAL A 91 -0.75 -14.06 -21.13
CA VAL A 91 0.22 -14.03 -20.03
C VAL A 91 1.30 -13.04 -20.43
N ASN A 92 1.22 -11.84 -19.87
CA ASN A 92 2.20 -10.79 -20.14
C ASN A 92 3.42 -11.03 -19.27
N ASN A 93 4.27 -11.95 -19.73
CA ASN A 93 5.48 -12.33 -19.02
C ASN A 93 6.76 -11.69 -19.57
N ALA A 94 6.80 -11.45 -20.87
CA ALA A 94 7.98 -10.84 -21.48
C ALA A 94 8.39 -9.61 -20.69
N GLY A 95 9.68 -9.51 -20.37
CA GLY A 95 10.16 -8.38 -19.62
C GLY A 95 11.67 -8.38 -19.59
N VAL A 96 12.26 -7.22 -19.34
CA VAL A 96 13.70 -7.11 -19.28
C VAL A 96 14.13 -6.32 -18.05
N GLY A 97 15.40 -6.44 -17.70
CA GLY A 97 15.91 -5.73 -16.56
C GLY A 97 17.30 -5.18 -16.79
N ARG A 98 17.49 -3.92 -16.44
CA ARG A 98 18.78 -3.24 -16.57
C ARG A 98 19.04 -2.66 -15.19
N PHE A 99 20.10 -3.14 -14.54
CA PHE A 99 20.41 -2.69 -13.20
C PHE A 99 21.75 -1.99 -13.06
N GLY A 100 21.89 -1.21 -12.01
CA GLY A 100 23.13 -0.49 -11.76
C GLY A 100 22.91 0.67 -10.83
N ALA A 101 24.00 1.21 -10.30
CA ALA A 101 23.92 2.36 -9.40
C ALA A 101 23.21 3.48 -10.15
N LEU A 102 22.49 4.32 -9.40
CA LEU A 102 21.76 5.44 -9.99
C LEU A 102 22.56 6.22 -11.02
N SER A 103 23.77 6.62 -10.64
CA SER A 103 24.63 7.41 -11.50
C SER A 103 25.16 6.73 -12.75
N ASP A 104 25.12 5.39 -12.78
CA ASP A 104 25.64 4.65 -13.92
C ASP A 104 24.60 4.27 -14.98
N LEU A 105 23.32 4.41 -14.66
CA LEU A 105 22.28 4.08 -15.62
C LEU A 105 22.22 5.06 -16.78
N THR A 106 21.98 4.53 -17.98
CA THR A 106 21.95 5.34 -19.19
C THR A 106 20.56 5.54 -19.83
N GLU A 107 20.53 6.38 -20.85
CA GLU A 107 19.31 6.66 -21.59
C GLU A 107 18.89 5.37 -22.30
N GLU A 108 19.87 4.59 -22.73
CA GLU A 108 19.59 3.34 -23.41
C GLU A 108 19.03 2.32 -22.42
N ASP A 109 19.53 2.33 -21.20
CA ASP A 109 19.03 1.42 -20.17
C ASP A 109 17.55 1.75 -19.99
N PHE A 110 17.25 3.04 -19.96
CA PHE A 110 15.89 3.52 -19.79
C PHE A 110 14.98 3.11 -20.93
N ASP A 111 15.35 3.46 -22.15
CA ASP A 111 14.56 3.12 -23.33
C ASP A 111 14.34 1.62 -23.50
N TYR A 112 15.42 0.86 -23.36
CA TYR A 112 15.35 -0.60 -23.51
C TYR A 112 14.35 -1.19 -22.52
N THR A 113 14.43 -0.75 -21.27
CA THR A 113 13.53 -1.25 -20.24
C THR A 113 12.08 -0.85 -20.49
N MET A 114 11.84 0.43 -20.76
CA MET A 114 10.49 0.90 -20.97
C MET A 114 9.82 0.41 -22.25
N ASN A 115 10.58 0.29 -23.33
CA ASN A 115 10.03 -0.16 -24.60
C ASN A 115 9.39 -1.54 -24.48
N THR A 116 9.94 -2.39 -23.62
CA THR A 116 9.37 -3.72 -23.45
C THR A 116 8.39 -3.79 -22.27
N ASN A 117 8.89 -3.44 -21.08
CA ASN A 117 8.08 -3.51 -19.87
C ASN A 117 6.83 -2.64 -19.85
N LEU A 118 6.90 -1.45 -20.41
CA LEU A 118 5.73 -0.57 -20.42
C LEU A 118 5.06 -0.41 -21.77
N LYS A 119 5.83 -0.03 -22.78
CA LYS A 119 5.25 0.20 -24.10
C LYS A 119 4.69 -1.05 -24.79
N GLY A 120 5.53 -2.05 -24.99
CA GLY A 120 5.06 -3.26 -25.64
C GLY A 120 3.94 -3.90 -24.82
N THR A 121 4.15 -3.97 -23.52
CA THR A 121 3.13 -4.56 -22.65
C THR A 121 1.79 -3.82 -22.78
N PHE A 122 1.84 -2.49 -22.77
CA PHE A 122 0.60 -1.72 -22.89
C PHE A 122 -0.16 -1.96 -24.19
N PHE A 123 0.53 -1.78 -25.32
CA PHE A 123 -0.15 -1.96 -26.59
C PHE A 123 -0.61 -3.37 -26.91
N LEU A 124 0.09 -4.37 -26.40
CA LEU A 124 -0.34 -5.75 -26.64
C LEU A 124 -1.61 -5.96 -25.81
N THR A 125 -1.59 -5.46 -24.57
CA THR A 125 -2.73 -5.59 -23.68
C THR A 125 -3.94 -4.85 -24.26
N GLN A 126 -3.70 -3.65 -24.76
CA GLN A 126 -4.76 -2.84 -25.34
C GLN A 126 -5.47 -3.59 -26.46
N ALA A 127 -4.70 -4.11 -27.39
CA ALA A 127 -5.25 -4.83 -28.54
C ALA A 127 -6.00 -6.12 -28.20
N LEU A 128 -5.41 -6.95 -27.35
CA LEU A 128 -6.05 -8.21 -27.00
C LEU A 128 -7.20 -8.09 -26.00
N PHE A 129 -7.14 -7.08 -25.13
CA PHE A 129 -8.23 -6.91 -24.17
C PHE A 129 -9.51 -6.59 -24.94
N ALA A 130 -9.35 -5.92 -26.08
CA ALA A 130 -10.49 -5.55 -26.91
C ALA A 130 -11.27 -6.81 -27.31
N LEU A 131 -10.53 -7.87 -27.63
CA LEU A 131 -11.16 -9.13 -28.00
C LEU A 131 -11.88 -9.74 -26.81
N MET A 132 -11.25 -9.69 -25.64
CA MET A 132 -11.86 -10.25 -24.44
C MET A 132 -13.11 -9.49 -24.03
N GLU A 133 -13.08 -8.16 -24.18
CA GLU A 133 -14.23 -7.35 -23.81
C GLU A 133 -15.45 -7.75 -24.65
N ARG A 134 -15.21 -8.00 -25.93
CA ARG A 134 -16.29 -8.41 -26.84
C ARG A 134 -16.78 -9.80 -26.46
N GLN A 135 -15.85 -10.68 -26.09
CA GLN A 135 -16.18 -12.05 -25.71
C GLN A 135 -16.91 -12.10 -24.37
N HIS A 136 -16.65 -11.09 -23.54
CA HIS A 136 -17.20 -11.02 -22.20
C HIS A 136 -16.61 -12.19 -21.42
N SER A 137 -15.36 -12.50 -21.72
CA SER A 137 -14.63 -13.59 -21.07
C SER A 137 -13.14 -13.41 -21.36
N GLY A 138 -12.29 -13.91 -20.47
CA GLY A 138 -10.87 -13.79 -20.68
C GLY A 138 -10.11 -13.62 -19.37
N HIS A 139 -8.80 -13.88 -19.42
CA HIS A 139 -7.95 -13.77 -18.26
C HIS A 139 -6.60 -13.22 -18.70
N ILE A 140 -6.15 -12.17 -18.03
CA ILE A 140 -4.85 -11.60 -18.35
C ILE A 140 -3.97 -11.68 -17.11
N PHE A 141 -2.79 -12.25 -17.28
CA PHE A 141 -1.82 -12.34 -16.20
C PHE A 141 -0.72 -11.35 -16.47
N PHE A 142 -0.27 -10.65 -15.44
CA PHE A 142 0.84 -9.73 -15.60
C PHE A 142 1.90 -10.23 -14.65
N ILE A 143 3.08 -10.52 -15.17
CA ILE A 143 4.16 -10.93 -14.29
C ILE A 143 4.91 -9.63 -14.00
N THR A 144 4.64 -9.04 -12.84
CA THR A 144 5.32 -7.80 -12.50
C THR A 144 6.54 -8.15 -11.64
N SER A 145 6.49 -7.88 -10.35
CA SER A 145 7.62 -8.18 -9.47
C SER A 145 7.39 -7.57 -8.10
N VAL A 146 8.16 -7.98 -7.10
CA VAL A 146 8.03 -7.36 -5.79
C VAL A 146 8.58 -5.95 -5.96
N ALA A 147 9.32 -5.74 -7.06
CA ALA A 147 9.89 -4.43 -7.36
C ALA A 147 8.83 -3.45 -7.86
N ALA A 148 7.58 -3.92 -7.93
CA ALA A 148 6.47 -3.07 -8.36
C ALA A 148 5.89 -2.35 -7.15
N THR A 149 6.32 -2.75 -5.96
CA THR A 149 5.85 -2.12 -4.72
C THR A 149 6.96 -1.80 -3.74
N LYS A 150 8.17 -2.29 -4.01
CA LYS A 150 9.32 -2.05 -3.16
C LYS A 150 10.51 -1.62 -4.01
N ALA A 151 11.30 -0.69 -3.49
CA ALA A 151 12.47 -0.21 -4.24
C ALA A 151 13.75 -0.93 -3.82
N PHE A 152 14.70 -0.97 -4.73
CA PHE A 152 16.01 -1.58 -4.50
C PHE A 152 17.05 -0.62 -5.09
N ARG A 153 18.18 -0.48 -4.40
CA ARG A 153 19.23 0.45 -4.82
C ARG A 153 19.64 0.47 -6.29
N HIS A 154 19.90 -0.69 -6.87
CA HIS A 154 20.30 -0.71 -8.28
C HIS A 154 19.11 -0.91 -9.23
N SER A 155 17.90 -0.71 -8.73
CA SER A 155 16.71 -0.89 -9.54
C SER A 155 15.88 0.37 -9.81
N SER A 156 16.52 1.54 -9.86
CA SER A 156 15.77 2.77 -10.09
C SER A 156 14.92 2.70 -11.37
N ILE A 157 15.54 2.29 -12.47
CA ILE A 157 14.81 2.18 -13.74
C ILE A 157 13.89 0.97 -13.74
N TYR A 158 14.37 -0.15 -13.19
CA TYR A 158 13.56 -1.36 -13.15
C TYR A 158 12.28 -1.10 -12.35
N CYS A 159 12.43 -0.46 -11.20
CA CYS A 159 11.28 -0.14 -10.35
C CYS A 159 10.33 0.82 -11.02
N MET A 160 10.85 1.82 -11.75
CA MET A 160 9.95 2.73 -12.44
C MET A 160 9.09 1.91 -13.39
N SER A 161 9.69 0.94 -14.06
CA SER A 161 8.96 0.13 -15.03
C SER A 161 7.98 -0.85 -14.38
N LYS A 162 8.34 -1.40 -13.23
CA LYS A 162 7.46 -2.35 -12.57
C LYS A 162 6.34 -1.66 -11.81
N PHE A 163 6.64 -0.55 -11.17
CA PHE A 163 5.60 0.22 -10.49
C PHE A 163 4.66 0.64 -11.63
N GLY A 164 5.26 1.01 -12.76
CA GLY A 164 4.47 1.41 -13.92
C GLY A 164 3.55 0.31 -14.39
N GLN A 165 4.05 -0.92 -14.47
CA GLN A 165 3.21 -2.03 -14.89
C GLN A 165 2.03 -2.18 -13.94
N ARG A 166 2.28 -1.98 -12.64
CA ARG A 166 1.21 -2.12 -11.66
C ARG A 166 0.13 -1.07 -11.93
N GLY A 167 0.56 0.11 -12.38
CA GLY A 167 -0.40 1.16 -12.69
C GLY A 167 -1.35 0.69 -13.78
N LEU A 168 -0.81 0.01 -14.78
CA LEU A 168 -1.63 -0.50 -15.87
C LEU A 168 -2.55 -1.60 -15.34
N VAL A 169 -2.00 -2.48 -14.50
CA VAL A 169 -2.78 -3.57 -13.93
C VAL A 169 -4.00 -3.05 -13.19
N GLU A 170 -3.77 -2.04 -12.35
CA GLU A 170 -4.87 -1.49 -11.57
C GLU A 170 -5.93 -0.80 -12.44
N THR A 171 -5.52 -0.24 -13.56
CA THR A 171 -6.48 0.40 -14.45
C THR A 171 -7.25 -0.70 -15.17
N MET A 172 -6.57 -1.78 -15.56
CA MET A 172 -7.24 -2.87 -16.23
C MET A 172 -8.33 -3.49 -15.37
N ARG A 173 -8.12 -3.51 -14.06
CA ARG A 173 -9.12 -4.08 -13.15
C ARG A 173 -10.46 -3.35 -13.27
N LEU A 174 -10.39 -2.04 -13.46
CA LEU A 174 -11.60 -1.22 -13.57
C LEU A 174 -12.41 -1.59 -14.81
N TYR A 175 -11.72 -1.89 -15.90
CA TYR A 175 -12.37 -2.29 -17.15
C TYR A 175 -12.83 -3.73 -17.10
N ALA A 176 -11.97 -4.59 -16.57
CA ALA A 176 -12.24 -6.02 -16.50
C ALA A 176 -13.46 -6.44 -15.67
N ARG A 177 -13.68 -5.77 -14.54
CA ARG A 177 -14.81 -6.12 -13.68
C ARG A 177 -16.18 -5.94 -14.33
N LYS A 178 -16.22 -5.16 -15.40
CA LYS A 178 -17.50 -4.91 -16.07
C LYS A 178 -17.76 -5.84 -17.25
N CYS A 179 -16.74 -6.58 -17.68
CA CYS A 179 -16.91 -7.49 -18.81
C CYS A 179 -16.48 -8.94 -18.55
N ASN A 180 -16.59 -9.38 -17.30
CA ASN A 180 -16.27 -10.75 -16.92
C ASN A 180 -14.85 -11.21 -17.28
N VAL A 181 -13.89 -10.30 -17.16
CA VAL A 181 -12.50 -10.64 -17.46
C VAL A 181 -11.72 -10.65 -16.15
N ARG A 182 -10.84 -11.64 -16.00
CA ARG A 182 -10.03 -11.76 -14.79
C ARG A 182 -8.63 -11.19 -14.99
N ILE A 183 -8.14 -10.48 -13.98
CA ILE A 183 -6.82 -9.86 -14.00
C ILE A 183 -5.99 -10.36 -12.83
N THR A 184 -4.85 -10.98 -13.13
CA THR A 184 -3.98 -11.51 -12.10
C THR A 184 -2.61 -10.86 -12.17
N ASP A 185 -2.16 -10.32 -11.03
CA ASP A 185 -0.87 -9.65 -10.91
C ASP A 185 0.07 -10.55 -10.11
N VAL A 186 1.01 -11.20 -10.80
CA VAL A 186 1.96 -12.09 -10.15
C VAL A 186 3.22 -11.29 -9.81
N GLN A 187 3.57 -11.25 -8.53
CA GLN A 187 4.71 -10.47 -8.05
C GLN A 187 5.77 -11.30 -7.38
N PRO A 188 6.74 -11.82 -8.15
CA PRO A 188 7.79 -12.62 -7.54
C PRO A 188 9.04 -11.88 -7.12
N GLY A 189 9.75 -12.48 -6.16
CA GLY A 189 11.01 -11.96 -5.72
C GLY A 189 12.02 -12.70 -6.59
N ALA A 190 13.25 -12.86 -6.11
CA ALA A 190 14.30 -13.52 -6.89
C ALA A 190 14.00 -14.93 -7.39
N VAL A 191 14.12 -15.12 -8.70
CA VAL A 191 13.89 -16.42 -9.33
C VAL A 191 15.08 -16.74 -10.20
N TYR A 192 15.65 -17.93 -10.03
CA TYR A 192 16.80 -18.34 -10.82
C TYR A 192 16.41 -18.56 -12.28
N THR A 193 16.77 -17.60 -13.13
CA THR A 193 16.46 -17.65 -14.56
C THR A 193 17.62 -17.03 -15.32
N PRO A 194 17.61 -17.13 -16.66
CA PRO A 194 18.69 -16.55 -17.48
C PRO A 194 18.81 -15.04 -17.26
N MET A 195 17.74 -14.44 -16.74
CA MET A 195 17.73 -13.00 -16.49
C MET A 195 18.89 -12.60 -15.57
N TRP A 196 19.24 -13.47 -14.65
CA TRP A 196 20.33 -13.21 -13.71
C TRP A 196 21.69 -13.58 -14.32
N GLY A 197 21.68 -14.56 -15.22
CA GLY A 197 22.91 -14.99 -15.85
C GLY A 197 23.77 -15.87 -14.97
N LYS A 198 24.65 -15.25 -14.19
CA LYS A 198 25.56 -15.98 -13.30
C LYS A 198 24.86 -16.85 -12.27
N VAL A 199 25.62 -17.25 -11.25
CA VAL A 199 25.13 -18.08 -10.16
C VAL A 199 26.27 -18.33 -9.19
N ASP A 200 26.06 -19.20 -8.21
CA ASP A 200 27.09 -19.51 -7.23
C ASP A 200 26.64 -20.58 -6.23
N ASP A 201 25.66 -21.37 -6.63
CA ASP A 201 25.13 -22.43 -5.77
C ASP A 201 24.49 -21.82 -4.53
N GLU A 202 25.31 -21.15 -3.71
CA GLU A 202 24.83 -20.52 -2.49
C GLU A 202 23.79 -19.47 -2.86
N MET A 203 24.09 -18.71 -3.91
CA MET A 203 23.19 -17.68 -4.40
C MET A 203 21.90 -18.34 -4.89
N GLN A 204 22.07 -19.31 -5.79
CA GLN A 204 20.97 -20.05 -6.37
C GLN A 204 20.14 -20.75 -5.28
N ALA A 205 20.78 -21.04 -4.15
CA ALA A 205 20.10 -21.71 -3.05
C ALA A 205 19.16 -20.79 -2.29
N LEU A 206 19.30 -19.48 -2.50
CA LEU A 206 18.44 -18.50 -1.84
C LEU A 206 17.45 -17.88 -2.82
N MET A 207 17.19 -18.60 -3.90
CA MET A 207 16.26 -18.12 -4.91
C MET A 207 15.15 -19.13 -5.13
N MET A 208 14.04 -18.68 -5.72
CA MET A 208 12.94 -19.56 -6.04
C MET A 208 13.27 -20.13 -7.41
N MET A 209 12.52 -21.13 -7.84
CA MET A 209 12.73 -21.71 -9.17
C MET A 209 11.55 -21.31 -10.03
N PRO A 210 11.74 -21.20 -11.35
CA PRO A 210 10.62 -20.81 -12.21
C PRO A 210 9.34 -21.66 -12.09
N GLU A 211 9.50 -22.96 -11.87
CA GLU A 211 8.33 -23.84 -11.72
C GLU A 211 7.49 -23.47 -10.50
N ASP A 212 8.13 -22.84 -9.51
CA ASP A 212 7.43 -22.41 -8.29
C ASP A 212 6.45 -21.28 -8.62
N ILE A 213 6.80 -20.48 -9.63
CA ILE A 213 5.94 -19.37 -10.04
C ILE A 213 4.84 -19.87 -10.97
N ALA A 214 5.20 -20.78 -11.88
CA ALA A 214 4.27 -21.33 -12.85
C ALA A 214 3.08 -22.06 -12.24
N ALA A 215 3.33 -22.80 -11.16
CA ALA A 215 2.25 -23.57 -10.52
C ALA A 215 1.02 -22.72 -10.15
N PRO A 216 1.22 -21.65 -9.35
CA PRO A 216 0.11 -20.78 -8.94
C PRO A 216 -0.58 -20.09 -10.11
N VAL A 217 0.19 -19.78 -11.15
CA VAL A 217 -0.35 -19.11 -12.33
C VAL A 217 -1.38 -20.02 -12.98
N VAL A 218 -0.99 -21.27 -13.24
CA VAL A 218 -1.89 -22.21 -13.87
C VAL A 218 -3.09 -22.52 -12.97
N GLN A 219 -2.87 -22.66 -11.68
CA GLN A 219 -4.00 -22.95 -10.80
C GLN A 219 -4.98 -21.78 -10.77
N ALA A 220 -4.47 -20.55 -10.86
CA ALA A 220 -5.35 -19.38 -10.87
C ALA A 220 -6.24 -19.39 -12.11
N TYR A 221 -5.67 -19.82 -13.23
CA TYR A 221 -6.43 -19.88 -14.47
C TYR A 221 -7.51 -20.95 -14.38
N LEU A 222 -7.20 -22.05 -13.71
CA LEU A 222 -8.14 -23.16 -13.57
C LEU A 222 -9.25 -22.94 -12.54
N GLN A 223 -9.21 -21.82 -11.84
CA GLN A 223 -10.25 -21.49 -10.86
C GLN A 223 -11.54 -21.31 -11.66
N PRO A 224 -12.70 -21.56 -11.04
CA PRO A 224 -13.97 -21.37 -11.76
C PRO A 224 -14.07 -19.88 -12.14
N SER A 225 -14.78 -19.57 -13.23
CA SER A 225 -14.90 -18.19 -13.69
C SER A 225 -15.36 -17.15 -12.66
N ARG A 226 -16.10 -17.61 -11.65
CA ARG A 226 -16.63 -16.71 -10.61
C ARG A 226 -15.54 -16.09 -9.74
N THR A 227 -14.38 -16.73 -9.72
CA THR A 227 -13.28 -16.29 -8.87
C THR A 227 -11.99 -15.86 -9.54
N VAL A 228 -11.46 -14.73 -9.12
CA VAL A 228 -10.20 -14.24 -9.65
C VAL A 228 -9.14 -14.11 -8.56
N VAL A 229 -7.99 -14.72 -8.81
CA VAL A 229 -6.87 -14.61 -7.89
C VAL A 229 -6.25 -13.30 -8.38
N GLU A 230 -6.57 -12.19 -7.72
CA GLU A 230 -6.07 -10.89 -8.16
C GLU A 230 -4.59 -10.68 -8.01
N GLU A 231 -4.01 -11.17 -6.92
CA GLU A 231 -2.58 -10.98 -6.70
C GLU A 231 -1.95 -12.19 -6.03
N ILE A 232 -0.73 -12.51 -6.44
CA ILE A 232 0.03 -13.60 -5.84
C ILE A 232 1.44 -13.05 -5.65
N ILE A 233 1.89 -12.96 -4.41
CA ILE A 233 3.24 -12.46 -4.13
C ILE A 233 4.04 -13.66 -3.65
N LEU A 234 5.19 -13.89 -4.26
CA LEU A 234 6.04 -15.02 -3.89
C LEU A 234 7.47 -14.56 -3.67
N ARG A 235 8.11 -15.08 -2.64
CA ARG A 235 9.50 -14.73 -2.35
C ARG A 235 10.26 -15.93 -1.80
N PRO A 236 11.60 -15.82 -1.79
CA PRO A 236 12.38 -16.93 -1.25
C PRO A 236 12.02 -16.84 0.23
N THR A 237 11.99 -17.96 0.93
CA THR A 237 11.63 -17.93 2.34
C THR A 237 12.55 -17.04 3.18
N SER A 238 13.80 -16.89 2.74
CA SER A 238 14.75 -16.05 3.47
C SER A 238 14.60 -14.55 3.16
N GLY A 239 13.70 -14.21 2.24
CA GLY A 239 13.49 -12.82 1.89
C GLY A 239 14.27 -12.36 0.67
N ASP A 240 14.20 -11.06 0.38
CA ASP A 240 14.92 -10.51 -0.78
C ASP A 240 16.42 -10.60 -0.55
N ILE A 241 17.16 -10.91 -1.61
CA ILE A 241 18.61 -11.03 -1.50
C ILE A 241 19.36 -9.70 -1.55
N LYS B 2 22.35 31.99 0.78
CA LYS B 2 21.15 31.91 -0.10
C LYS B 2 20.80 30.49 -0.48
N HIS B 3 19.53 30.24 -0.78
CA HIS B 3 19.06 28.92 -1.18
C HIS B 3 18.82 28.89 -2.69
N ILE B 4 19.39 27.90 -3.35
CA ILE B 4 19.23 27.75 -4.79
C ILE B 4 18.12 26.73 -5.05
N LEU B 5 17.01 27.20 -5.60
CA LEU B 5 15.88 26.31 -5.88
C LEU B 5 15.55 26.26 -7.37
N LEU B 6 15.33 25.06 -7.89
CA LEU B 6 14.96 24.89 -9.29
C LEU B 6 13.56 24.32 -9.32
N ILE B 7 12.64 25.03 -9.97
CA ILE B 7 11.25 24.58 -10.06
C ILE B 7 10.90 24.40 -11.54
N THR B 8 10.63 23.16 -11.93
CA THR B 8 10.26 22.88 -13.32
C THR B 8 8.75 23.07 -13.46
N GLY B 9 8.31 23.46 -14.65
CA GLY B 9 6.89 23.69 -14.86
C GLY B 9 6.39 24.85 -14.01
N ALA B 10 7.25 25.86 -13.84
CA ALA B 10 6.92 27.02 -13.03
C ALA B 10 6.00 28.03 -13.72
N GLY B 11 5.78 27.84 -15.01
CA GLY B 11 4.96 28.76 -15.77
C GLY B 11 3.48 28.84 -15.43
N LYS B 12 2.91 27.72 -15.01
CA LYS B 12 1.50 27.71 -14.66
C LYS B 12 1.15 26.69 -13.59
N GLY B 13 -0.14 26.67 -13.23
CA GLY B 13 -0.65 25.72 -12.26
C GLY B 13 0.06 25.61 -10.92
N ILE B 14 0.29 24.37 -10.50
CA ILE B 14 0.94 24.08 -9.24
C ILE B 14 2.37 24.62 -9.15
N GLY B 15 3.13 24.45 -10.22
CA GLY B 15 4.50 24.92 -10.24
C GLY B 15 4.56 26.42 -9.99
N ARG B 16 3.69 27.16 -10.67
CA ARG B 16 3.63 28.60 -10.51
C ARG B 16 3.26 28.95 -9.06
N ALA B 17 2.29 28.22 -8.51
CA ALA B 17 1.85 28.48 -7.14
C ALA B 17 2.98 28.23 -6.15
N ILE B 18 3.79 27.21 -6.40
CA ILE B 18 4.92 26.89 -5.52
C ILE B 18 5.98 28.00 -5.61
N ALA B 19 6.27 28.45 -6.81
CA ALA B 19 7.24 29.51 -7.00
C ALA B 19 6.81 30.74 -6.21
N LEU B 20 5.56 31.14 -6.38
CA LEU B 20 5.02 32.30 -5.68
C LEU B 20 5.02 32.14 -4.16
N GLU B 21 4.70 30.94 -3.69
CA GLU B 21 4.68 30.70 -2.25
C GLU B 21 6.07 30.81 -1.63
N PHE B 22 7.09 30.35 -2.36
CA PHE B 22 8.46 30.44 -1.88
C PHE B 22 8.86 31.90 -1.79
N ALA B 23 8.42 32.68 -2.77
CA ALA B 23 8.73 34.10 -2.82
C ALA B 23 8.10 34.81 -1.63
N ARG B 24 6.83 34.51 -1.36
CA ARG B 24 6.11 35.11 -0.25
C ARG B 24 6.69 34.68 1.09
N ALA B 25 7.14 33.43 1.15
CA ALA B 25 7.72 32.90 2.37
C ALA B 25 8.97 33.68 2.76
N ALA B 26 9.84 33.91 1.79
CA ALA B 26 11.07 34.64 2.04
C ALA B 26 10.80 36.08 2.46
N ARG B 27 9.62 36.58 2.08
CA ARG B 27 9.22 37.94 2.40
C ARG B 27 8.82 38.10 3.85
N HIS B 28 8.25 37.05 4.44
CA HIS B 28 7.81 37.09 5.83
C HIS B 28 8.68 36.21 6.74
N HIS B 29 9.67 35.55 6.15
CA HIS B 29 10.55 34.66 6.91
C HIS B 29 12.00 35.12 6.74
N PRO B 30 12.34 36.30 7.32
CA PRO B 30 13.69 36.87 7.25
C PRO B 30 14.79 35.96 7.75
N ASP B 31 15.60 35.46 6.80
CA ASP B 31 16.72 34.55 7.04
C ASP B 31 16.73 33.54 5.90
N PHE B 32 15.63 33.54 5.14
CA PHE B 32 15.47 32.65 4.00
C PHE B 32 15.52 33.49 2.72
N GLU B 33 16.68 33.50 2.07
CA GLU B 33 16.87 34.25 0.83
C GLU B 33 17.06 33.29 -0.32
N PRO B 34 15.98 32.97 -1.04
CA PRO B 34 16.08 32.04 -2.16
C PRO B 34 16.34 32.66 -3.52
N VAL B 35 16.96 31.87 -4.38
CA VAL B 35 17.21 32.27 -5.76
C VAL B 35 16.29 31.28 -6.47
N LEU B 36 15.20 31.79 -7.04
CA LEU B 36 14.24 30.95 -7.71
C LEU B 36 14.55 30.75 -9.19
N VAL B 37 15.14 29.60 -9.51
CA VAL B 37 15.45 29.28 -10.89
C VAL B 37 14.15 28.67 -11.41
N LEU B 38 13.51 29.38 -12.32
CA LEU B 38 12.23 28.95 -12.88
C LEU B 38 12.36 28.45 -14.31
N SER B 39 11.90 27.23 -14.54
CA SER B 39 11.97 26.65 -15.87
C SER B 39 10.61 26.18 -16.37
N SER B 40 10.45 26.24 -17.69
CA SER B 40 9.20 25.86 -18.36
C SER B 40 9.51 25.78 -19.85
N ARG B 41 8.54 25.37 -20.66
CA ARG B 41 8.73 25.30 -22.10
C ARG B 41 8.33 26.61 -22.76
N THR B 42 7.70 27.49 -22.00
CA THR B 42 7.23 28.77 -22.51
C THR B 42 7.89 29.97 -21.82
N ALA B 43 8.80 30.62 -22.52
CA ALA B 43 9.51 31.77 -21.98
C ALA B 43 8.55 32.86 -21.51
N ALA B 44 7.45 33.04 -22.25
CA ALA B 44 6.46 34.05 -21.91
C ALA B 44 5.88 33.86 -20.52
N ASP B 45 5.55 32.61 -20.17
CA ASP B 45 5.00 32.30 -18.86
C ASP B 45 6.04 32.59 -17.77
N LEU B 46 7.28 32.23 -18.06
CA LEU B 46 8.36 32.42 -17.11
C LEU B 46 8.59 33.89 -16.76
N GLU B 47 8.46 34.76 -17.76
CA GLU B 47 8.66 36.18 -17.52
C GLU B 47 7.59 36.72 -16.59
N LYS B 48 6.35 36.27 -16.79
CA LYS B 48 5.23 36.70 -15.98
C LYS B 48 5.36 36.28 -14.52
N ILE B 49 5.63 35.00 -14.30
CA ILE B 49 5.76 34.48 -12.94
C ILE B 49 7.01 35.06 -12.28
N SER B 50 8.06 35.29 -13.05
CA SER B 50 9.29 35.85 -12.51
C SER B 50 9.01 37.24 -11.92
N LEU B 51 8.28 38.07 -12.68
CA LEU B 51 7.95 39.40 -12.21
C LEU B 51 7.14 39.36 -10.92
N GLU B 52 6.18 38.44 -10.85
CA GLU B 52 5.36 38.31 -9.66
C GLU B 52 6.22 37.96 -8.45
N CYS B 53 7.17 37.06 -8.64
CA CYS B 53 8.06 36.65 -7.56
C CYS B 53 8.99 37.80 -7.16
N ARG B 54 9.46 38.56 -8.14
CA ARG B 54 10.34 39.68 -7.85
C ARG B 54 9.56 40.76 -7.11
N ALA B 55 8.25 40.81 -7.34
CA ALA B 55 7.39 41.79 -6.67
C ALA B 55 7.35 41.49 -5.17
N GLU B 56 7.58 40.23 -4.83
CA GLU B 56 7.60 39.80 -3.43
C GLU B 56 8.99 40.02 -2.85
N GLY B 57 9.92 40.44 -3.70
CA GLY B 57 11.28 40.69 -3.26
C GLY B 57 12.22 39.50 -3.38
N ALA B 58 11.87 38.54 -4.23
CA ALA B 58 12.70 37.35 -4.41
C ALA B 58 13.55 37.42 -5.67
N LEU B 59 14.75 36.84 -5.61
CA LEU B 59 15.65 36.80 -6.75
C LEU B 59 15.18 35.66 -7.66
N THR B 60 15.19 35.90 -8.96
CA THR B 60 14.74 34.88 -9.90
C THR B 60 15.70 34.72 -11.08
N ASP B 61 15.61 33.57 -11.72
CA ASP B 61 16.44 33.26 -12.88
C ASP B 61 15.64 32.32 -13.77
N THR B 62 15.15 32.85 -14.89
CA THR B 62 14.35 32.06 -15.80
C THR B 62 15.19 31.39 -16.87
N ILE B 63 14.79 30.18 -17.25
CA ILE B 63 15.48 29.42 -18.28
C ILE B 63 14.48 28.47 -18.94
N THR B 64 14.37 28.58 -20.26
CA THR B 64 13.45 27.74 -21.02
C THR B 64 14.05 26.36 -21.20
N ALA B 65 13.25 25.32 -20.96
CA ALA B 65 13.75 23.96 -21.12
C ALA B 65 12.61 22.97 -21.21
N ASP B 66 12.76 22.01 -22.12
CA ASP B 66 11.78 20.95 -22.31
C ASP B 66 12.45 19.71 -21.75
N ILE B 67 12.03 19.26 -20.57
CA ILE B 67 12.67 18.09 -19.97
C ILE B 67 12.49 16.78 -20.75
N SER B 68 11.61 16.79 -21.75
CA SER B 68 11.42 15.58 -22.56
C SER B 68 12.54 15.50 -23.58
N ASP B 69 13.29 16.58 -23.69
CA ASP B 69 14.43 16.66 -24.61
C ASP B 69 15.69 16.53 -23.78
N MET B 70 16.39 15.40 -23.93
CA MET B 70 17.60 15.16 -23.16
C MET B 70 18.62 16.29 -23.33
N ALA B 71 18.58 16.97 -24.46
CA ALA B 71 19.50 18.08 -24.71
C ALA B 71 19.19 19.22 -23.75
N ASP B 72 17.89 19.46 -23.53
CA ASP B 72 17.46 20.52 -22.62
C ASP B 72 17.72 20.12 -21.17
N VAL B 73 17.66 18.83 -20.90
CA VAL B 73 17.93 18.34 -19.55
C VAL B 73 19.40 18.62 -19.26
N ARG B 74 20.24 18.41 -20.27
CA ARG B 74 21.67 18.65 -20.13
C ARG B 74 21.93 20.14 -19.93
N ARG B 75 21.22 20.96 -20.70
CA ARG B 75 21.38 22.41 -20.63
C ARG B 75 20.94 22.94 -19.26
N LEU B 76 19.87 22.35 -18.73
CA LEU B 76 19.37 22.76 -17.43
C LEU B 76 20.35 22.40 -16.32
N THR B 77 20.88 21.18 -16.37
CA THR B 77 21.84 20.71 -15.38
C THR B 77 23.11 21.54 -15.43
N THR B 78 23.61 21.76 -16.64
CA THR B 78 24.83 22.54 -16.84
C THR B 78 24.65 23.95 -16.28
N HIS B 79 23.46 24.52 -16.48
CA HIS B 79 23.19 25.85 -15.98
C HIS B 79 23.36 25.92 -14.47
N ILE B 80 22.79 24.95 -13.76
CA ILE B 80 22.91 24.92 -12.31
C ILE B 80 24.36 24.72 -11.88
N VAL B 81 25.05 23.80 -12.53
CA VAL B 81 26.44 23.51 -12.19
C VAL B 81 27.37 24.68 -12.43
N GLU B 82 27.26 25.31 -13.59
CA GLU B 82 28.13 26.43 -13.94
C GLU B 82 27.77 27.75 -13.28
N ARG B 83 26.50 28.13 -13.31
CA ARG B 83 26.09 29.40 -12.72
C ARG B 83 26.01 29.39 -11.19
N TYR B 84 25.65 28.26 -10.60
CA TYR B 84 25.54 28.17 -9.16
C TYR B 84 26.45 27.12 -8.53
N GLY B 85 26.67 26.01 -9.23
CA GLY B 85 27.52 24.95 -8.74
C GLY B 85 27.02 24.38 -7.42
N HIS B 86 25.74 24.59 -7.15
CA HIS B 86 25.13 24.14 -5.90
C HIS B 86 23.61 24.17 -6.07
N ILE B 87 22.92 23.20 -5.50
CA ILE B 87 21.47 23.18 -5.56
C ILE B 87 20.90 22.70 -4.23
N ASP B 88 20.02 23.50 -3.65
CA ASP B 88 19.42 23.18 -2.37
C ASP B 88 18.05 22.55 -2.49
N CYS B 89 17.34 22.85 -3.57
CA CYS B 89 16.01 22.28 -3.73
C CYS B 89 15.60 22.14 -5.18
N LEU B 90 15.14 20.94 -5.52
CA LEU B 90 14.67 20.64 -6.86
C LEU B 90 13.20 20.26 -6.72
N VAL B 91 12.34 20.96 -7.45
CA VAL B 91 10.92 20.65 -7.40
C VAL B 91 10.55 20.06 -8.76
N ASN B 92 10.41 18.74 -8.81
CA ASN B 92 10.05 18.05 -10.05
C ASN B 92 8.54 18.15 -10.22
N ASN B 93 8.08 19.29 -10.71
CA ASN B 93 6.67 19.54 -10.92
C ASN B 93 6.22 19.35 -12.37
N ALA B 94 7.12 19.60 -13.32
CA ALA B 94 6.79 19.46 -14.73
C ALA B 94 6.17 18.10 -15.01
N GLY B 95 5.04 18.10 -15.71
CA GLY B 95 4.37 16.85 -16.03
C GLY B 95 3.25 17.09 -16.99
N VAL B 96 2.88 16.05 -17.74
CA VAL B 96 1.80 16.16 -18.70
C VAL B 96 0.78 15.06 -18.48
N GLY B 97 -0.38 15.22 -19.11
CA GLY B 97 -1.43 14.23 -18.98
C GLY B 97 -2.16 14.04 -20.29
N ARG B 98 -2.24 12.78 -20.71
CA ARG B 98 -2.97 12.42 -21.92
C ARG B 98 -4.00 11.41 -21.43
N PHE B 99 -5.27 11.77 -21.51
CA PHE B 99 -6.34 10.92 -21.03
C PHE B 99 -7.29 10.45 -22.11
N GLY B 100 -8.01 9.37 -21.83
CA GLY B 100 -8.97 8.84 -22.79
C GLY B 100 -9.25 7.38 -22.50
N ALA B 101 -10.27 6.85 -23.16
CA ALA B 101 -10.62 5.45 -22.98
C ALA B 101 -9.44 4.58 -23.39
N LEU B 102 -9.25 3.47 -22.70
CA LEU B 102 -8.14 2.56 -22.98
C LEU B 102 -7.89 2.31 -24.47
N SER B 103 -8.96 2.00 -25.21
CA SER B 103 -8.84 1.70 -26.62
C SER B 103 -8.48 2.87 -27.54
N ASP B 104 -8.59 4.09 -27.03
CA ASP B 104 -8.30 5.26 -27.87
C ASP B 104 -6.90 5.85 -27.74
N LEU B 105 -6.17 5.45 -26.71
CA LEU B 105 -4.83 5.99 -26.51
C LEU B 105 -3.86 5.52 -27.57
N THR B 106 -3.05 6.46 -28.06
CA THR B 106 -2.09 6.20 -29.13
C THR B 106 -0.65 6.10 -28.68
N GLU B 107 0.22 5.65 -29.59
CA GLU B 107 1.63 5.54 -29.31
C GLU B 107 2.15 6.94 -28.97
N GLU B 108 1.60 7.95 -29.62
CA GLU B 108 2.01 9.32 -29.37
C GLU B 108 1.60 9.73 -27.95
N ASP B 109 0.40 9.34 -27.52
CA ASP B 109 -0.04 9.68 -26.16
C ASP B 109 0.95 9.06 -25.19
N PHE B 110 1.36 7.83 -25.49
CA PHE B 110 2.29 7.10 -24.63
C PHE B 110 3.65 7.78 -24.56
N ASP B 111 4.27 8.00 -25.70
CA ASP B 111 5.59 8.65 -25.75
C ASP B 111 5.59 10.03 -25.12
N TYR B 112 4.59 10.83 -25.44
CA TYR B 112 4.50 12.18 -24.91
C TYR B 112 4.45 12.14 -23.39
N THR B 113 3.62 11.25 -22.84
CA THR B 113 3.50 11.14 -21.39
C THR B 113 4.78 10.64 -20.73
N MET B 114 5.33 9.55 -21.25
CA MET B 114 6.54 8.96 -20.67
C MET B 114 7.81 9.79 -20.82
N ASN B 115 7.98 10.45 -21.97
CA ASN B 115 9.17 11.26 -22.18
C ASN B 115 9.31 12.38 -21.15
N THR B 116 8.18 12.90 -20.68
CA THR B 116 8.21 13.96 -19.68
C THR B 116 8.11 13.45 -18.24
N ASN B 117 7.01 12.77 -17.93
CA ASN B 117 6.78 12.26 -16.59
C ASN B 117 7.84 11.28 -16.08
N LEU B 118 8.34 10.41 -16.95
CA LEU B 118 9.33 9.43 -16.51
C LEU B 118 10.77 9.70 -16.94
N LYS B 119 11.00 9.80 -18.24
CA LYS B 119 12.35 9.99 -18.76
C LYS B 119 12.99 11.32 -18.33
N GLY B 120 12.36 12.43 -18.67
CA GLY B 120 12.91 13.72 -18.31
C GLY B 120 13.08 13.84 -16.81
N THR B 121 12.05 13.44 -16.07
CA THR B 121 12.09 13.51 -14.62
C THR B 121 13.23 12.68 -14.05
N PHE B 122 13.43 11.48 -14.60
CA PHE B 122 14.50 10.63 -14.10
C PHE B 122 15.89 11.20 -14.34
N PHE B 123 16.17 11.60 -15.58
CA PHE B 123 17.50 12.10 -15.88
C PHE B 123 17.85 13.43 -15.23
N LEU B 124 16.85 14.29 -15.04
CA LEU B 124 17.11 15.56 -14.36
C LEU B 124 17.43 15.24 -12.90
N THR B 125 16.69 14.31 -12.32
CA THR B 125 16.88 13.90 -10.93
C THR B 125 18.26 13.25 -10.76
N GLN B 126 18.62 12.38 -11.69
CA GLN B 126 19.90 11.70 -11.64
C GLN B 126 21.06 12.70 -11.57
N ALA B 127 21.04 13.67 -12.48
CA ALA B 127 22.09 14.67 -12.56
C ALA B 127 22.19 15.58 -11.34
N LEU B 128 21.05 16.14 -10.91
CA LEU B 128 21.05 17.05 -9.77
C LEU B 128 21.22 16.37 -8.41
N PHE B 129 20.78 15.13 -8.29
CA PHE B 129 20.95 14.44 -7.01
C PHE B 129 22.44 14.24 -6.77
N ALA B 130 23.18 14.01 -7.85
CA ALA B 130 24.63 13.81 -7.77
C ALA B 130 25.27 14.98 -7.04
N LEU B 131 24.77 16.19 -7.31
CA LEU B 131 25.29 17.40 -6.67
C LEU B 131 24.94 17.36 -5.18
N MET B 132 23.68 17.08 -4.87
CA MET B 132 23.24 17.05 -3.48
C MET B 132 23.98 15.98 -2.69
N GLU B 133 24.28 14.86 -3.34
CA GLU B 133 24.98 13.77 -2.67
C GLU B 133 26.36 14.25 -2.23
N ARG B 134 27.03 15.00 -3.10
CA ARG B 134 28.35 15.53 -2.79
C ARG B 134 28.26 16.61 -1.71
N GLN B 135 27.16 17.37 -1.75
CA GLN B 135 26.93 18.45 -0.78
C GLN B 135 26.54 17.89 0.59
N HIS B 136 25.95 16.69 0.57
CA HIS B 136 25.46 16.06 1.80
C HIS B 136 24.33 16.93 2.32
N SER B 137 23.55 17.49 1.39
CA SER B 137 22.40 18.33 1.73
C SER B 137 21.58 18.55 0.48
N GLY B 138 20.29 18.75 0.67
CA GLY B 138 19.42 18.97 -0.48
C GLY B 138 18.03 18.44 -0.22
N HIS B 139 17.08 18.91 -1.01
CA HIS B 139 15.69 18.50 -0.88
C HIS B 139 15.08 18.37 -2.26
N ILE B 140 14.50 17.21 -2.54
CA ILE B 140 13.86 17.02 -3.84
C ILE B 140 12.38 16.76 -3.61
N PHE B 141 11.55 17.52 -4.31
CA PHE B 141 10.11 17.35 -4.23
C PHE B 141 9.66 16.71 -5.54
N PHE B 142 8.74 15.76 -5.43
CA PHE B 142 8.20 15.12 -6.62
C PHE B 142 6.71 15.36 -6.54
N ILE B 143 6.16 16.04 -7.53
CA ILE B 143 4.72 16.25 -7.54
C ILE B 143 4.19 15.08 -8.36
N THR B 144 3.73 14.02 -7.69
CA THR B 144 3.20 12.88 -8.40
C THR B 144 1.69 13.06 -8.54
N SER B 145 0.90 12.26 -7.83
CA SER B 145 -0.56 12.35 -7.92
C SER B 145 -1.21 11.25 -7.11
N VAL B 146 -2.50 11.38 -6.83
CA VAL B 146 -3.19 10.31 -6.14
C VAL B 146 -3.23 9.18 -7.15
N ALA B 147 -3.01 9.53 -8.43
CA ALA B 147 -3.02 8.53 -9.52
C ALA B 147 -1.74 7.70 -9.50
N ALA B 148 -0.88 7.94 -8.52
CA ALA B 148 0.36 7.18 -8.39
C ALA B 148 0.08 5.93 -7.54
N THR B 149 -1.06 5.89 -6.86
CA THR B 149 -1.42 4.75 -6.02
C THR B 149 -2.85 4.25 -6.24
N LYS B 150 -3.60 4.95 -7.10
CA LYS B 150 -4.98 4.59 -7.42
C LYS B 150 -5.21 4.77 -8.92
N ALA B 151 -5.95 3.85 -9.53
CA ALA B 151 -6.22 3.94 -10.95
C ALA B 151 -7.56 4.61 -11.25
N PHE B 152 -7.65 5.18 -12.45
CA PHE B 152 -8.86 5.81 -12.95
C PHE B 152 -9.03 5.34 -14.39
N ARG B 153 -10.25 5.00 -14.78
CA ARG B 153 -10.51 4.48 -16.12
C ARG B 153 -9.84 5.15 -17.31
N HIS B 154 -9.90 6.47 -17.39
CA HIS B 154 -9.29 7.17 -18.53
C HIS B 154 -7.82 7.51 -18.31
N SER B 155 -7.23 6.99 -17.23
CA SER B 155 -5.84 7.30 -16.92
C SER B 155 -4.88 6.11 -17.01
N SER B 156 -5.12 5.18 -17.93
CA SER B 156 -4.23 4.02 -18.03
C SER B 156 -2.77 4.45 -18.21
N ILE B 157 -2.51 5.29 -19.21
CA ILE B 157 -1.15 5.75 -19.44
C ILE B 157 -0.67 6.72 -18.36
N TYR B 158 -1.56 7.60 -17.92
CA TYR B 158 -1.19 8.57 -16.89
C TYR B 158 -0.79 7.84 -15.61
N CYS B 159 -1.58 6.84 -15.22
CA CYS B 159 -1.28 6.06 -14.02
C CYS B 159 0.01 5.28 -14.18
N MET B 160 0.26 4.74 -15.37
CA MET B 160 1.51 4.02 -15.59
C MET B 160 2.67 4.98 -15.29
N SER B 161 2.56 6.23 -15.75
CA SER B 161 3.62 7.21 -15.54
C SER B 161 3.73 7.69 -14.10
N LYS B 162 2.60 7.83 -13.42
CA LYS B 162 2.62 8.30 -12.04
C LYS B 162 3.03 7.21 -11.06
N PHE B 163 2.56 5.98 -11.28
CA PHE B 163 2.98 4.86 -10.44
C PHE B 163 4.49 4.77 -10.67
N GLY B 164 4.89 4.95 -11.94
CA GLY B 164 6.29 4.91 -12.30
C GLY B 164 7.10 5.94 -11.53
N GLN B 165 6.59 7.17 -11.43
CA GLN B 165 7.30 8.21 -10.70
C GLN B 165 7.48 7.78 -9.25
N ARG B 166 6.46 7.16 -8.66
CA ARG B 166 6.56 6.71 -7.27
C ARG B 166 7.70 5.69 -7.14
N GLY B 167 7.87 4.85 -8.16
CA GLY B 167 8.94 3.88 -8.13
C GLY B 167 10.28 4.58 -8.02
N LEU B 168 10.42 5.69 -8.74
CA LEU B 168 11.65 6.48 -8.68
C LEU B 168 11.80 7.09 -7.30
N VAL B 169 10.72 7.69 -6.81
CA VAL B 169 10.73 8.32 -5.50
C VAL B 169 11.20 7.35 -4.43
N GLU B 170 10.61 6.16 -4.42
CA GLU B 170 10.97 5.18 -3.42
C GLU B 170 12.42 4.72 -3.52
N THR B 171 12.98 4.70 -4.73
CA THR B 171 14.37 4.30 -4.89
C THR B 171 15.25 5.44 -4.40
N MET B 172 14.85 6.68 -4.68
CA MET B 172 15.64 7.84 -4.25
C MET B 172 15.74 7.93 -2.73
N ARG B 173 14.72 7.46 -2.02
CA ARG B 173 14.77 7.52 -0.55
C ARG B 173 15.95 6.67 -0.05
N LEU B 174 16.21 5.57 -0.74
CA LEU B 174 17.29 4.67 -0.34
C LEU B 174 18.65 5.38 -0.41
N TYR B 175 18.82 6.21 -1.43
CA TYR B 175 20.05 6.95 -1.61
C TYR B 175 20.11 8.18 -0.71
N ALA B 176 19.00 8.91 -0.66
CA ALA B 176 18.91 10.14 0.12
C ALA B 176 19.17 10.01 1.62
N ARG B 177 18.65 8.96 2.22
CA ARG B 177 18.83 8.77 3.66
C ARG B 177 20.28 8.59 4.09
N LYS B 178 21.15 8.27 3.15
CA LYS B 178 22.57 8.08 3.47
C LYS B 178 23.42 9.32 3.23
N CYS B 179 22.82 10.38 2.71
CA CYS B 179 23.59 11.60 2.45
C CYS B 179 22.88 12.88 2.87
N ASN B 180 22.02 12.78 3.88
CA ASN B 180 21.32 13.95 4.41
C ASN B 180 20.47 14.69 3.39
N VAL B 181 19.84 13.96 2.48
CA VAL B 181 18.98 14.58 1.48
C VAL B 181 17.53 14.21 1.79
N ARG B 182 16.64 15.18 1.66
CA ARG B 182 15.21 14.95 1.94
C ARG B 182 14.44 14.72 0.65
N ILE B 183 13.52 13.76 0.69
CA ILE B 183 12.67 13.42 -0.46
C ILE B 183 11.21 13.59 -0.07
N THR B 184 10.49 14.44 -0.79
CA THR B 184 9.07 14.67 -0.52
C THR B 184 8.22 14.31 -1.72
N ASP B 185 7.23 13.44 -1.50
CA ASP B 185 6.31 13.00 -2.55
C ASP B 185 4.95 13.64 -2.29
N VAL B 186 4.60 14.64 -3.10
CA VAL B 186 3.33 15.34 -2.97
C VAL B 186 2.33 14.67 -3.90
N GLN B 187 1.22 14.20 -3.34
CA GLN B 187 0.21 13.49 -4.10
C GLN B 187 -1.16 14.15 -4.06
N PRO B 188 -1.43 15.07 -5.00
CA PRO B 188 -2.72 15.75 -5.01
C PRO B 188 -3.80 15.09 -5.85
N GLY B 189 -5.05 15.38 -5.47
CA GLY B 189 -6.20 14.91 -6.22
C GLY B 189 -6.49 16.04 -7.18
N ALA B 190 -7.75 16.22 -7.53
CA ALA B 190 -8.14 17.28 -8.47
C ALA B 190 -7.78 18.69 -8.05
N VAL B 191 -6.99 19.35 -8.90
CA VAL B 191 -6.56 20.73 -8.68
C VAL B 191 -6.92 21.55 -9.92
N TYR B 192 -7.65 22.63 -9.72
CA TYR B 192 -8.05 23.49 -10.84
C TYR B 192 -6.84 24.20 -11.44
N THR B 193 -6.37 23.70 -12.58
CA THR B 193 -5.22 24.26 -13.29
C THR B 193 -5.44 24.13 -14.80
N PRO B 194 -4.56 24.74 -15.62
CA PRO B 194 -4.70 24.66 -17.07
C PRO B 194 -4.66 23.21 -17.58
N MET B 195 -4.15 22.30 -16.77
CA MET B 195 -4.07 20.89 -17.16
C MET B 195 -5.45 20.29 -17.44
N TRP B 196 -6.48 20.86 -16.83
CA TRP B 196 -7.85 20.37 -17.01
C TRP B 196 -8.56 21.03 -18.18
N GLY B 197 -8.29 22.31 -18.40
CA GLY B 197 -8.94 23.02 -19.48
C GLY B 197 -10.19 23.75 -19.02
N LYS B 198 -11.36 23.26 -19.47
CA LYS B 198 -12.63 23.88 -19.11
C LYS B 198 -13.29 23.26 -17.88
N VAL B 199 -14.03 24.08 -17.14
CA VAL B 199 -14.74 23.64 -15.95
C VAL B 199 -16.05 24.43 -15.82
N ASP B 200 -16.86 24.10 -14.82
CA ASP B 200 -18.14 24.78 -14.64
C ASP B 200 -18.63 24.79 -13.19
N ASP B 201 -19.93 24.55 -13.01
CA ASP B 201 -20.55 24.53 -11.69
C ASP B 201 -19.75 23.62 -10.77
N GLU B 202 -19.77 22.32 -11.06
CA GLU B 202 -19.03 21.35 -10.29
C GLU B 202 -17.56 21.61 -10.56
N MET B 203 -16.84 20.60 -11.02
CA MET B 203 -15.42 20.73 -11.32
C MET B 203 -14.75 21.69 -10.35
N GLN B 204 -14.62 22.95 -10.74
CA GLN B 204 -14.00 23.96 -9.91
C GLN B 204 -14.46 23.91 -8.46
N ALA B 205 -15.78 23.90 -8.26
CA ALA B 205 -16.33 23.84 -6.91
C ALA B 205 -15.99 22.54 -6.20
N LEU B 206 -15.61 21.53 -6.97
CA LEU B 206 -15.26 20.22 -6.40
C LEU B 206 -13.76 19.96 -6.48
N MET B 207 -12.98 21.01 -6.71
CA MET B 207 -11.54 20.87 -6.80
C MET B 207 -10.78 21.72 -5.80
N MET B 208 -9.50 21.41 -5.63
CA MET B 208 -8.64 22.18 -4.76
C MET B 208 -8.03 23.27 -5.64
N MET B 209 -7.36 24.22 -5.02
CA MET B 209 -6.71 25.29 -5.77
C MET B 209 -5.21 25.09 -5.68
N PRO B 210 -4.46 25.49 -6.71
CA PRO B 210 -3.01 25.32 -6.69
C PRO B 210 -2.31 25.84 -5.42
N GLU B 211 -2.79 26.95 -4.88
CA GLU B 211 -2.16 27.48 -3.67
C GLU B 211 -2.33 26.55 -2.48
N ASP B 212 -3.33 25.66 -2.52
CA ASP B 212 -3.57 24.72 -1.43
C ASP B 212 -2.45 23.68 -1.40
N ILE B 213 -1.86 23.42 -2.57
CA ILE B 213 -0.78 22.46 -2.69
C ILE B 213 0.55 23.14 -2.38
N ALA B 214 0.71 24.37 -2.85
CA ALA B 214 1.93 25.12 -2.65
C ALA B 214 2.28 25.37 -1.18
N ALA B 215 1.26 25.65 -0.36
CA ALA B 215 1.49 25.93 1.06
C ALA B 215 2.28 24.84 1.78
N PRO B 216 1.78 23.59 1.77
CA PRO B 216 2.52 22.52 2.47
C PRO B 216 3.89 22.19 1.86
N VAL B 217 4.06 22.45 0.57
CA VAL B 217 5.34 22.19 -0.08
C VAL B 217 6.39 23.10 0.54
N VAL B 218 6.09 24.39 0.61
CA VAL B 218 7.03 25.35 1.18
C VAL B 218 7.24 25.10 2.68
N GLN B 219 6.18 24.74 3.39
CA GLN B 219 6.32 24.46 4.82
C GLN B 219 7.25 23.26 5.04
N ALA B 220 7.13 22.26 4.18
CA ALA B 220 7.98 21.08 4.30
C ALA B 220 9.46 21.46 4.09
N TYR B 221 9.71 22.37 3.16
CA TYR B 221 11.08 22.81 2.91
C TYR B 221 11.62 23.58 4.09
N LEU B 222 10.76 24.37 4.73
CA LEU B 222 11.18 25.16 5.88
C LEU B 222 11.36 24.39 7.18
N GLN B 223 11.03 23.10 7.18
CA GLN B 223 11.22 22.25 8.35
C GLN B 223 12.71 22.15 8.64
N PRO B 224 13.08 21.96 9.92
CA PRO B 224 14.51 21.84 10.27
C PRO B 224 15.08 20.65 9.49
N SER B 225 16.36 20.70 9.15
CA SER B 225 17.01 19.64 8.37
C SER B 225 16.82 18.23 8.93
N ARG B 226 16.65 18.13 10.24
CA ARG B 226 16.47 16.85 10.91
C ARG B 226 15.19 16.11 10.50
N THR B 227 14.22 16.86 10.00
CA THR B 227 12.93 16.26 9.65
C THR B 227 12.51 16.35 8.19
N VAL B 228 11.97 15.25 7.67
CA VAL B 228 11.51 15.22 6.30
C VAL B 228 10.04 14.84 6.20
N VAL B 229 9.26 15.68 5.53
CA VAL B 229 7.86 15.36 5.30
C VAL B 229 7.96 14.49 4.05
N GLU B 230 7.92 13.18 4.23
CA GLU B 230 8.08 12.25 3.12
C GLU B 230 6.92 12.23 2.15
N GLU B 231 5.71 12.30 2.66
CA GLU B 231 4.53 12.25 1.81
C GLU B 231 3.45 13.20 2.30
N ILE B 232 2.75 13.80 1.35
CA ILE B 232 1.64 14.69 1.64
C ILE B 232 0.58 14.36 0.60
N ILE B 233 -0.57 13.87 1.06
CA ILE B 233 -1.67 13.52 0.16
C ILE B 233 -2.78 14.53 0.40
N LEU B 234 -3.20 15.21 -0.66
CA LEU B 234 -4.26 16.21 -0.55
C LEU B 234 -5.38 15.93 -1.55
N ARG B 235 -6.61 16.11 -1.10
CA ARG B 235 -7.77 15.89 -1.97
C ARG B 235 -8.88 16.86 -1.65
N PRO B 236 -9.85 16.99 -2.56
CA PRO B 236 -10.97 17.89 -2.29
C PRO B 236 -11.69 17.16 -1.16
N THR B 237 -12.31 17.89 -0.23
CA THR B 237 -12.99 17.24 0.88
C THR B 237 -14.05 16.24 0.43
N SER B 238 -14.61 16.44 -0.76
CA SER B 238 -15.63 15.53 -1.27
C SER B 238 -15.06 14.27 -1.91
N GLY B 239 -13.73 14.19 -1.99
CA GLY B 239 -13.08 13.03 -2.57
C GLY B 239 -12.88 13.14 -4.09
N ASP B 240 -12.40 12.06 -4.70
CA ASP B 240 -12.17 12.08 -6.14
C ASP B 240 -13.52 12.19 -6.86
N ILE B 241 -13.53 12.90 -7.98
CA ILE B 241 -14.76 13.09 -8.75
C ILE B 241 -14.74 12.37 -10.10
N LYS C 2 5.32 -37.24 9.97
CA LYS C 2 3.98 -36.61 9.73
C LYS C 2 4.05 -35.09 9.76
N HIS C 3 3.20 -34.46 8.95
CA HIS C 3 3.10 -33.00 8.92
C HIS C 3 1.99 -32.67 9.91
N ILE C 4 2.31 -31.95 10.99
CA ILE C 4 1.31 -31.60 11.97
C ILE C 4 0.68 -30.25 11.62
N LEU C 5 -0.61 -30.27 11.30
CA LEU C 5 -1.31 -29.04 10.94
C LEU C 5 -2.40 -28.72 11.94
N LEU C 6 -2.48 -27.46 12.36
CA LEU C 6 -3.54 -27.04 13.27
C LEU C 6 -4.36 -26.04 12.48
N ILE C 7 -5.65 -26.33 12.32
CA ILE C 7 -6.56 -25.45 11.59
C ILE C 7 -7.63 -24.94 12.54
N THR C 8 -7.62 -23.65 12.85
CA THR C 8 -8.65 -23.09 13.72
C THR C 8 -9.88 -22.72 12.89
N GLY C 9 -11.06 -22.77 13.50
CA GLY C 9 -12.27 -22.47 12.76
C GLY C 9 -12.52 -23.52 11.69
N ALA C 10 -12.12 -24.75 11.98
CA ALA C 10 -12.25 -25.85 11.04
C ALA C 10 -13.67 -26.40 10.86
N GLY C 11 -14.59 -25.99 11.74
CA GLY C 11 -15.94 -26.51 11.67
C GLY C 11 -16.88 -25.96 10.62
N LYS C 12 -16.60 -24.76 10.14
CA LYS C 12 -17.46 -24.12 9.14
C LYS C 12 -16.66 -23.37 8.08
N GLY C 13 -17.38 -22.95 7.05
CA GLY C 13 -16.82 -22.15 5.98
C GLY C 13 -15.43 -22.41 5.43
N ILE C 14 -14.62 -21.37 5.40
CA ILE C 14 -13.27 -21.47 4.85
C ILE C 14 -12.39 -22.47 5.57
N GLY C 15 -12.43 -22.45 6.90
CA GLY C 15 -11.62 -23.37 7.68
C GLY C 15 -11.94 -24.82 7.34
N ARG C 16 -13.23 -25.10 7.26
CA ARG C 16 -13.72 -26.43 6.92
C ARG C 16 -13.22 -26.82 5.52
N ALA C 17 -13.29 -25.90 4.57
CA ALA C 17 -12.84 -26.18 3.22
C ALA C 17 -11.34 -26.44 3.18
N ILE C 18 -10.58 -25.69 3.97
CA ILE C 18 -9.13 -25.88 4.00
C ILE C 18 -8.81 -27.27 4.58
N ALA C 19 -9.54 -27.67 5.61
CA ALA C 19 -9.31 -28.98 6.20
C ALA C 19 -9.55 -30.07 5.16
N LEU C 20 -10.68 -29.98 4.46
CA LEU C 20 -11.03 -30.98 3.46
C LEU C 20 -10.04 -31.01 2.29
N GLU C 21 -9.57 -29.84 1.87
CA GLU C 21 -8.63 -29.75 0.76
C GLU C 21 -7.28 -30.38 1.14
N PHE C 22 -6.86 -30.21 2.40
CA PHE C 22 -5.60 -30.82 2.83
C PHE C 22 -5.75 -32.34 2.85
N ALA C 23 -6.92 -32.81 3.25
CA ALA C 23 -7.20 -34.25 3.30
C ALA C 23 -7.15 -34.82 1.89
N ARG C 24 -7.77 -34.13 0.95
CA ARG C 24 -7.79 -34.59 -0.44
C ARG C 24 -6.39 -34.59 -1.02
N ALA C 25 -5.57 -33.62 -0.62
CA ALA C 25 -4.20 -33.53 -1.11
C ALA C 25 -3.37 -34.72 -0.61
N ALA C 26 -3.67 -35.18 0.59
CA ALA C 26 -2.95 -36.31 1.17
C ALA C 26 -3.27 -37.59 0.39
N ARG C 27 -4.44 -37.62 -0.22
CA ARG C 27 -4.87 -38.77 -1.01
C ARG C 27 -4.19 -38.75 -2.37
N HIS C 28 -4.14 -37.57 -2.98
CA HIS C 28 -3.53 -37.42 -4.31
C HIS C 28 -2.02 -37.33 -4.29
N HIS C 29 -1.47 -36.80 -3.20
CA HIS C 29 -0.02 -36.66 -3.07
C HIS C 29 0.45 -37.50 -1.87
N PRO C 30 0.65 -38.81 -2.09
CA PRO C 30 1.09 -39.76 -1.07
C PRO C 30 2.32 -39.34 -0.25
N ASP C 31 3.21 -38.56 -0.87
CA ASP C 31 4.42 -38.09 -0.19
C ASP C 31 4.10 -37.15 0.95
N PHE C 32 2.84 -36.73 1.03
CA PHE C 32 2.38 -35.81 2.06
C PHE C 32 1.50 -36.55 3.06
N GLU C 33 2.00 -36.71 4.28
CA GLU C 33 1.27 -37.41 5.34
C GLU C 33 0.96 -36.46 6.49
N PRO C 34 -0.24 -35.86 6.49
CA PRO C 34 -0.60 -34.92 7.56
C PRO C 34 -1.45 -35.47 8.69
N VAL C 35 -1.40 -34.78 9.82
CA VAL C 35 -2.24 -35.07 10.96
C VAL C 35 -2.99 -33.75 11.01
N LEU C 36 -4.29 -33.79 10.74
CA LEU C 36 -5.09 -32.58 10.75
C LEU C 36 -5.71 -32.36 12.12
N VAL C 37 -5.13 -31.44 12.88
CA VAL C 37 -5.66 -31.11 14.20
C VAL C 37 -6.70 -30.02 13.91
N LEU C 38 -7.97 -30.36 14.12
CA LEU C 38 -9.08 -29.45 13.84
C LEU C 38 -9.67 -28.86 15.10
N SER C 39 -9.85 -27.54 15.11
CA SER C 39 -10.39 -26.88 16.30
C SER C 39 -11.41 -25.80 15.97
N SER C 40 -12.38 -25.67 16.86
CA SER C 40 -13.45 -24.68 16.77
C SER C 40 -14.21 -24.73 18.09
N ARG C 41 -15.28 -23.94 18.20
CA ARG C 41 -16.05 -23.89 19.44
C ARG C 41 -17.24 -24.85 19.48
N THR C 42 -17.46 -25.58 18.40
CA THR C 42 -18.60 -26.51 18.34
C THR C 42 -18.18 -27.95 18.09
N ALA C 43 -18.30 -28.77 19.13
CA ALA C 43 -17.92 -30.19 19.04
C ALA C 43 -18.53 -30.95 17.86
N ALA C 44 -19.84 -30.83 17.68
CA ALA C 44 -20.51 -31.54 16.60
C ALA C 44 -19.98 -31.14 15.22
N ASP C 45 -19.54 -29.89 15.08
CA ASP C 45 -18.99 -29.43 13.80
C ASP C 45 -17.70 -30.19 13.53
N LEU C 46 -16.86 -30.27 14.56
CA LEU C 46 -15.58 -30.94 14.44
C LEU C 46 -15.73 -32.42 14.14
N GLU C 47 -16.74 -33.05 14.73
CA GLU C 47 -16.97 -34.48 14.49
C GLU C 47 -17.29 -34.73 13.02
N LYS C 48 -18.14 -33.88 12.44
CA LYS C 48 -18.55 -34.05 11.05
C LYS C 48 -17.41 -33.79 10.06
N ILE C 49 -16.68 -32.71 10.24
CA ILE C 49 -15.59 -32.41 9.33
C ILE C 49 -14.47 -33.45 9.50
N SER C 50 -14.29 -33.93 10.73
CA SER C 50 -13.28 -34.94 11.01
C SER C 50 -13.63 -36.21 10.22
N LEU C 51 -14.88 -36.64 10.31
CA LEU C 51 -15.34 -37.82 9.60
C LEU C 51 -15.09 -37.67 8.09
N GLU C 52 -15.42 -36.50 7.56
CA GLU C 52 -15.24 -36.24 6.14
C GLU C 52 -13.78 -36.32 5.71
N CYS C 53 -12.89 -35.77 6.54
CA CYS C 53 -11.47 -35.80 6.24
C CYS C 53 -10.94 -37.22 6.32
N ARG C 54 -11.48 -38.02 7.24
CA ARG C 54 -11.07 -39.40 7.41
C ARG C 54 -11.52 -40.20 6.19
N ALA C 55 -12.67 -39.82 5.65
CA ALA C 55 -13.23 -40.48 4.48
C ALA C 55 -12.25 -40.33 3.31
N GLU C 56 -11.42 -39.30 3.37
CA GLU C 56 -10.42 -39.04 2.34
C GLU C 56 -9.14 -39.80 2.67
N GLY C 57 -9.13 -40.46 3.82
CA GLY C 57 -7.97 -41.23 4.23
C GLY C 57 -6.92 -40.48 5.04
N ALA C 58 -7.30 -39.33 5.59
CA ALA C 58 -6.36 -38.54 6.38
C ALA C 58 -6.54 -38.78 7.87
N LEU C 59 -5.50 -38.47 8.65
CA LEU C 59 -5.54 -38.62 10.10
C LEU C 59 -6.06 -37.31 10.66
N THR C 60 -6.90 -37.39 11.69
CA THR C 60 -7.47 -36.19 12.30
C THR C 60 -7.45 -36.25 13.81
N ASP C 61 -7.49 -35.08 14.43
CA ASP C 61 -7.49 -34.96 15.87
C ASP C 61 -8.31 -33.70 16.19
N THR C 62 -9.47 -33.90 16.82
CA THR C 62 -10.35 -32.77 17.12
C THR C 62 -10.22 -32.24 18.55
N ILE C 63 -10.28 -30.92 18.67
CA ILE C 63 -10.18 -30.29 19.98
C ILE C 63 -11.06 -29.04 20.01
N THR C 64 -12.07 -29.06 20.87
CA THR C 64 -12.98 -27.93 21.01
C THR C 64 -12.25 -26.88 21.85
N ALA C 65 -12.14 -25.68 21.31
CA ALA C 65 -11.45 -24.61 22.03
C ALA C 65 -11.91 -23.24 21.53
N ASP C 66 -11.80 -22.25 22.42
CA ASP C 66 -12.17 -20.87 22.12
C ASP C 66 -10.86 -20.10 22.19
N ILE C 67 -10.35 -19.66 21.04
CA ILE C 67 -9.07 -18.95 21.07
C ILE C 67 -9.12 -17.59 21.76
N SER C 68 -10.31 -17.11 22.12
CA SER C 68 -10.41 -15.83 22.80
C SER C 68 -10.21 -16.05 24.30
N ASP C 69 -10.16 -17.33 24.70
CA ASP C 69 -9.93 -17.72 26.09
C ASP C 69 -8.46 -18.11 26.21
N MET C 70 -7.69 -17.31 26.92
CA MET C 70 -6.27 -17.56 27.07
C MET C 70 -5.95 -18.96 27.61
N ALA C 71 -6.85 -19.52 28.41
CA ALA C 71 -6.63 -20.86 28.96
C ALA C 71 -6.69 -21.90 27.83
N ASP C 72 -7.61 -21.69 26.89
CA ASP C 72 -7.76 -22.61 25.76
C ASP C 72 -6.59 -22.46 24.78
N VAL C 73 -6.06 -21.24 24.66
CA VAL C 73 -4.92 -21.02 23.78
C VAL C 73 -3.78 -21.88 24.33
N ARG C 74 -3.65 -21.88 25.65
CA ARG C 74 -2.60 -22.65 26.30
C ARG C 74 -2.89 -24.15 26.13
N ARG C 75 -4.17 -24.52 26.20
CA ARG C 75 -4.59 -25.90 26.05
C ARG C 75 -4.29 -26.41 24.64
N LEU C 76 -4.59 -25.59 23.64
CA LEU C 76 -4.32 -25.96 22.26
C LEU C 76 -2.84 -26.17 22.02
N THR C 77 -2.04 -25.24 22.53
CA THR C 77 -0.59 -25.29 22.37
C THR C 77 0.04 -26.51 23.03
N THR C 78 -0.33 -26.78 24.28
CA THR C 78 0.21 -27.90 25.01
C THR C 78 -0.21 -29.23 24.38
N HIS C 79 -1.42 -29.26 23.83
CA HIS C 79 -1.91 -30.48 23.19
C HIS C 79 -0.97 -30.84 22.04
N ILE C 80 -0.61 -29.85 21.23
CA ILE C 80 0.30 -30.07 20.11
C ILE C 80 1.66 -30.55 20.58
N VAL C 81 2.23 -29.83 21.53
CA VAL C 81 3.56 -30.16 22.06
C VAL C 81 3.58 -31.54 22.71
N GLU C 82 2.62 -31.79 23.58
CA GLU C 82 2.55 -33.05 24.32
C GLU C 82 2.18 -34.26 23.49
N ARG C 83 1.30 -34.09 22.52
CA ARG C 83 0.90 -35.21 21.69
C ARG C 83 1.79 -35.42 20.46
N TYR C 84 2.25 -34.33 19.86
CA TYR C 84 3.08 -34.45 18.66
C TYR C 84 4.52 -33.97 18.78
N GLY C 85 4.77 -33.04 19.69
CA GLY C 85 6.13 -32.55 19.87
C GLY C 85 6.58 -31.47 18.90
N HIS C 86 5.80 -31.23 17.87
CA HIS C 86 6.16 -30.21 16.89
C HIS C 86 4.95 -29.78 16.09
N ILE C 87 5.08 -28.66 15.39
CA ILE C 87 4.00 -28.15 14.57
C ILE C 87 4.59 -27.68 13.25
N ASP C 88 3.99 -28.12 12.15
CA ASP C 88 4.47 -27.75 10.84
C ASP C 88 3.65 -26.68 10.14
N CYS C 89 2.38 -26.60 10.50
CA CYS C 89 1.52 -25.59 9.89
C CYS C 89 0.43 -25.14 10.82
N LEU C 90 0.27 -23.83 10.92
CA LEU C 90 -0.79 -23.24 11.73
C LEU C 90 -1.62 -22.39 10.77
N VAL C 91 -2.91 -22.67 10.72
CA VAL C 91 -3.78 -21.88 9.86
C VAL C 91 -4.68 -21.06 10.78
N ASN C 92 -4.35 -19.78 10.92
CA ASN C 92 -5.13 -18.87 11.75
C ASN C 92 -6.32 -18.43 10.94
N ASN C 93 -7.35 -19.26 10.92
CA ASN C 93 -8.56 -18.98 10.18
C ASN C 93 -9.71 -18.49 11.06
N ALA C 94 -9.77 -18.99 12.30
CA ALA C 94 -10.84 -18.58 13.20
C ALA C 94 -10.99 -17.06 13.22
N GLY C 95 -12.22 -16.59 13.06
CA GLY C 95 -12.47 -15.17 13.04
C GLY C 95 -13.94 -14.89 13.13
N VAL C 96 -14.29 -13.68 13.56
CA VAL C 96 -15.69 -13.29 13.69
C VAL C 96 -15.90 -11.93 13.07
N GLY C 97 -17.15 -11.60 12.82
CA GLY C 97 -17.44 -10.31 12.23
C GLY C 97 -18.72 -9.73 12.78
N ARG C 98 -18.64 -8.48 13.23
CA ARG C 98 -19.80 -7.77 13.76
C ARG C 98 -19.88 -6.55 12.85
N PHE C 99 -20.99 -6.43 12.12
CA PHE C 99 -21.15 -5.34 11.19
C PHE C 99 -22.34 -4.44 11.50
N GLY C 100 -22.26 -3.20 11.02
CA GLY C 100 -23.34 -2.26 11.26
C GLY C 100 -22.91 -0.84 11.01
N ALA C 101 -23.88 0.06 10.92
CA ALA C 101 -23.58 1.47 10.71
C ALA C 101 -22.73 1.91 11.90
N LEU C 102 -21.84 2.86 11.67
CA LEU C 102 -20.94 3.36 12.72
C LEU C 102 -21.65 3.63 14.04
N SER C 103 -22.76 4.34 13.99
CA SER C 103 -23.51 4.68 15.19
C SER C 103 -24.21 3.54 15.92
N ASP C 104 -24.36 2.40 15.25
CA ASP C 104 -25.04 1.25 15.87
C ASP C 104 -24.13 0.23 16.57
N LEU C 105 -22.82 0.33 16.34
CA LEU C 105 -21.89 -0.61 16.95
C LEU C 105 -21.71 -0.37 18.45
N THR C 106 -21.67 -1.48 19.19
CA THR C 106 -21.57 -1.45 20.65
C THR C 106 -20.22 -1.86 21.23
N GLU C 107 -20.06 -1.66 22.54
CA GLU C 107 -18.83 -2.03 23.21
C GLU C 107 -18.67 -3.54 23.10
N GLU C 108 -19.78 -4.27 23.16
CA GLU C 108 -19.76 -5.71 23.05
C GLU C 108 -19.35 -6.14 21.64
N ASP C 109 -19.79 -5.39 20.62
CA ASP C 109 -19.41 -5.70 19.24
C ASP C 109 -17.89 -5.58 19.13
N PHE C 110 -17.35 -4.54 19.77
CA PHE C 110 -15.92 -4.29 19.74
C PHE C 110 -15.13 -5.38 20.47
N ASP C 111 -15.49 -5.65 21.71
CA ASP C 111 -14.80 -6.65 22.51
C ASP C 111 -14.87 -8.05 21.90
N TYR C 112 -16.05 -8.43 21.42
CA TYR C 112 -16.22 -9.75 20.83
C TYR C 112 -15.35 -9.90 19.58
N THR C 113 -15.29 -8.85 18.77
CA THR C 113 -14.48 -8.91 17.55
C THR C 113 -12.99 -8.99 17.86
N MET C 114 -12.51 -8.10 18.73
CA MET C 114 -11.09 -8.06 19.05
C MET C 114 -10.58 -9.24 19.87
N ASN C 115 -11.41 -9.77 20.77
CA ASN C 115 -10.98 -10.89 21.60
C ASN C 115 -10.57 -12.10 20.76
N THR C 116 -11.22 -12.30 19.62
CA THR C 116 -10.89 -13.42 18.74
C THR C 116 -9.93 -13.01 17.62
N ASN C 117 -10.35 -12.03 16.82
CA ASN C 117 -9.54 -11.58 15.68
C ASN C 117 -8.14 -11.09 16.01
N LEU C 118 -7.99 -10.37 17.11
CA LEU C 118 -6.67 -9.87 17.48
C LEU C 118 -6.03 -10.57 18.67
N LYS C 119 -6.73 -10.64 19.79
CA LYS C 119 -6.16 -11.24 21.00
C LYS C 119 -5.87 -12.74 20.88
N GLY C 120 -6.89 -13.54 20.58
CA GLY C 120 -6.66 -14.97 20.44
C GLY C 120 -5.63 -15.27 19.36
N THR C 121 -5.79 -14.61 18.21
CA THR C 121 -4.88 -14.81 17.10
C THR C 121 -3.44 -14.49 17.50
N PHE C 122 -3.24 -13.38 18.21
CA PHE C 122 -1.89 -13.00 18.63
C PHE C 122 -1.25 -14.03 19.55
N PHE C 123 -1.93 -14.36 20.65
CA PHE C 123 -1.35 -15.29 21.61
C PHE C 123 -1.18 -16.72 21.12
N LEU C 124 -2.04 -17.17 20.21
CA LEU C 124 -1.88 -18.53 19.67
C LEU C 124 -0.65 -18.49 18.76
N THR C 125 -0.52 -17.40 17.99
CA THR C 125 0.62 -17.22 17.09
C THR C 125 1.92 -17.14 17.89
N GLN C 126 1.87 -16.38 18.98
CA GLN C 126 3.04 -16.20 19.83
C GLN C 126 3.55 -17.56 20.31
N ALA C 127 2.63 -18.36 20.85
CA ALA C 127 2.96 -19.66 21.38
C ALA C 127 3.48 -20.66 20.35
N LEU C 128 2.76 -20.83 19.26
CA LEU C 128 3.19 -21.79 18.25
C LEU C 128 4.38 -21.34 17.42
N PHE C 129 4.57 -20.03 17.22
CA PHE C 129 5.73 -19.60 16.46
C PHE C 129 7.00 -19.92 17.25
N ALA C 130 6.91 -19.86 18.58
CA ALA C 130 8.06 -20.16 19.42
C ALA C 130 8.56 -21.56 19.09
N LEU C 131 7.63 -22.48 18.87
CA LEU C 131 7.98 -23.85 18.52
C LEU C 131 8.68 -23.90 17.16
N MET C 132 8.09 -23.24 16.17
CA MET C 132 8.65 -23.23 14.82
C MET C 132 10.03 -22.60 14.80
N GLU C 133 10.19 -21.53 15.58
CA GLU C 133 11.46 -20.82 15.65
C GLU C 133 12.57 -21.78 16.12
N ARG C 134 12.24 -22.65 17.06
CA ARG C 134 13.20 -23.62 17.57
C ARG C 134 13.49 -24.71 16.54
N GLN C 135 12.45 -25.13 15.83
CA GLN C 135 12.58 -26.18 14.81
C GLN C 135 13.27 -25.66 13.55
N HIS C 136 13.24 -24.34 13.37
CA HIS C 136 13.79 -23.73 12.16
C HIS C 136 13.02 -24.26 10.96
N SER C 137 11.72 -24.39 11.14
CA SER C 137 10.82 -24.85 10.08
C SER C 137 9.38 -24.59 10.51
N GLY C 138 8.52 -24.32 9.54
CA GLY C 138 7.12 -24.07 9.88
C GLY C 138 6.46 -23.13 8.90
N HIS C 139 5.13 -23.16 8.91
CA HIS C 139 4.36 -22.31 8.01
C HIS C 139 3.15 -21.80 8.77
N ILE C 140 2.93 -20.50 8.74
CA ILE C 140 1.77 -19.91 9.38
C ILE C 140 0.94 -19.20 8.32
N PHE C 141 -0.34 -19.56 8.24
CA PHE C 141 -1.26 -18.92 7.31
C PHE C 141 -2.16 -18.03 8.15
N PHE C 142 -2.44 -16.83 7.65
CA PHE C 142 -3.35 -15.93 8.33
C PHE C 142 -4.45 -15.66 7.32
N ILE C 143 -5.69 -15.94 7.68
CA ILE C 143 -6.79 -15.65 6.77
C ILE C 143 -7.26 -14.27 7.23
N THR C 144 -6.80 -13.22 6.55
CA THR C 144 -7.23 -11.88 6.94
C THR C 144 -8.45 -11.53 6.08
N SER C 145 -8.30 -10.62 5.12
CA SER C 145 -9.42 -10.23 4.26
C SER C 145 -9.02 -9.06 3.38
N VAL C 146 -9.81 -8.77 2.35
CA VAL C 146 -9.52 -7.60 1.54
C VAL C 146 -9.80 -6.41 2.46
N ALA C 147 -10.57 -6.67 3.52
CA ALA C 147 -10.92 -5.64 4.49
C ALA C 147 -9.73 -5.29 5.37
N ALA C 148 -8.58 -5.91 5.11
CA ALA C 148 -7.36 -5.63 5.87
C ALA C 148 -6.61 -4.47 5.19
N THR C 149 -7.01 -4.13 3.97
CA THR C 149 -6.36 -3.04 3.24
C THR C 149 -7.35 -2.06 2.60
N LYS C 150 -8.64 -2.40 2.68
CA LYS C 150 -9.70 -1.55 2.14
C LYS C 150 -10.83 -1.47 3.17
N ALA C 151 -11.46 -0.30 3.28
CA ALA C 151 -12.55 -0.14 4.25
C ALA C 151 -13.91 -0.26 3.58
N PHE C 152 -14.91 -0.57 4.39
CA PHE C 152 -16.29 -0.71 3.94
C PHE C 152 -17.15 -0.03 4.99
N ARG C 153 -18.21 0.64 4.55
CA ARG C 153 -19.10 1.39 5.43
C ARG C 153 -19.54 0.74 6.74
N HIS C 154 -20.03 -0.49 6.68
CA HIS C 154 -20.47 -1.14 7.91
C HIS C 154 -19.40 -2.00 8.58
N SER C 155 -18.15 -1.82 8.15
CA SER C 155 -17.05 -2.60 8.70
C SER C 155 -16.02 -1.81 9.51
N SER C 156 -16.45 -0.76 10.21
CA SER C 156 -15.49 0.02 10.98
C SER C 156 -14.73 -0.86 11.98
N ILE C 157 -15.43 -1.65 12.77
CA ILE C 157 -14.78 -2.51 13.75
C ILE C 157 -14.11 -3.71 13.08
N TYR C 158 -14.77 -4.29 12.07
CA TYR C 158 -14.20 -5.44 11.38
C TYR C 158 -12.87 -5.03 10.72
N CYS C 159 -12.87 -3.88 10.07
CA CYS C 159 -11.65 -3.40 9.43
C CYS C 159 -10.54 -3.08 10.43
N MET C 160 -10.90 -2.53 11.59
CA MET C 160 -9.85 -2.26 12.57
C MET C 160 -9.18 -3.59 12.91
N SER C 161 -10.01 -4.63 13.04
CA SER C 161 -9.48 -5.94 13.40
C SER C 161 -8.68 -6.62 12.30
N LYS C 162 -9.11 -6.45 11.06
CA LYS C 162 -8.39 -7.07 9.95
C LYS C 162 -7.13 -6.30 9.59
N PHE C 163 -7.20 -4.97 9.62
CA PHE C 163 -6.00 -4.17 9.36
C PHE C 163 -5.03 -4.58 10.48
N GLY C 164 -5.57 -4.72 11.68
CA GLY C 164 -4.78 -5.11 12.83
C GLY C 164 -4.06 -6.43 12.63
N GLN C 165 -4.76 -7.42 12.07
CA GLN C 165 -4.16 -8.72 11.81
C GLN C 165 -3.00 -8.57 10.84
N ARG C 166 -3.16 -7.70 9.85
CA ARG C 166 -2.09 -7.50 8.87
C ARG C 166 -0.86 -6.95 9.58
N GLY C 167 -1.09 -6.13 10.60
CA GLY C 167 0.02 -5.58 11.37
C GLY C 167 0.82 -6.71 12.00
N LEU C 168 0.12 -7.72 12.51
CA LEU C 168 0.77 -8.87 13.12
C LEU C 168 1.50 -9.66 12.04
N VAL C 169 0.83 -9.88 10.91
CA VAL C 169 1.44 -10.62 9.80
C VAL C 169 2.77 -10.00 9.41
N GLU C 170 2.77 -8.69 9.21
CA GLU C 170 3.99 -8.01 8.80
C GLU C 170 5.12 -8.09 9.81
N THR C 171 4.78 -8.09 11.10
CA THR C 171 5.81 -8.19 12.13
C THR C 171 6.36 -9.61 12.11
N MET C 172 5.46 -10.58 11.95
CA MET C 172 5.88 -11.97 11.93
C MET C 172 6.85 -12.26 10.78
N ARG C 173 6.71 -11.56 9.66
CA ARG C 173 7.62 -11.80 8.55
C ARG C 173 9.06 -11.49 8.95
N LEU C 174 9.23 -10.46 9.78
CA LEU C 174 10.56 -10.06 10.24
C LEU C 174 11.23 -11.18 11.04
N TYR C 175 10.46 -11.82 11.90
CA TYR C 175 10.97 -12.93 12.70
C TYR C 175 11.14 -14.20 11.87
N ALA C 176 10.16 -14.48 11.02
CA ALA C 176 10.13 -15.67 10.19
C ALA C 176 11.30 -15.84 9.22
N ARG C 177 11.72 -14.75 8.59
CA ARG C 177 12.81 -14.82 7.61
C ARG C 177 14.14 -15.24 8.21
N LYS C 178 14.27 -15.09 9.52
CA LYS C 178 15.51 -15.44 10.21
C LYS C 178 15.55 -16.89 10.69
N CYS C 179 14.43 -17.61 10.58
CA CYS C 179 14.40 -19.00 11.04
C CYS C 179 13.71 -20.00 10.12
N ASN C 180 13.74 -19.75 8.81
CA ASN C 180 13.16 -20.67 7.84
C ASN C 180 11.67 -20.95 8.01
N VAL C 181 10.91 -19.95 8.48
CA VAL C 181 9.46 -20.13 8.64
C VAL C 181 8.74 -19.33 7.57
N ARG C 182 7.70 -19.91 7.00
CA ARG C 182 6.93 -19.25 5.94
C ARG C 182 5.67 -18.60 6.50
N ILE C 183 5.38 -17.39 6.04
CA ILE C 183 4.22 -16.61 6.48
C ILE C 183 3.37 -16.29 5.24
N THR C 184 2.11 -16.71 5.25
CA THR C 184 1.22 -16.47 4.12
C THR C 184 0.00 -15.70 4.59
N ASP C 185 -0.32 -14.62 3.88
CA ASP C 185 -1.47 -13.77 4.23
C ASP C 185 -2.51 -13.93 3.12
N VAL C 186 -3.59 -14.66 3.43
CA VAL C 186 -4.68 -14.90 2.47
C VAL C 186 -5.73 -13.82 2.69
N GLN C 187 -6.03 -13.07 1.62
CA GLN C 187 -6.97 -11.96 1.67
C GLN C 187 -8.15 -12.15 0.71
N PRO C 188 -9.23 -12.78 1.19
CA PRO C 188 -10.38 -12.99 0.33
C PRO C 188 -11.42 -11.88 0.37
N GLY C 189 -12.17 -11.79 -0.71
CA GLY C 189 -13.28 -10.86 -0.80
C GLY C 189 -14.45 -11.72 -0.37
N ALA C 190 -15.67 -11.37 -0.77
CA ALA C 190 -16.86 -12.12 -0.38
C ALA C 190 -16.85 -13.62 -0.69
N VAL C 191 -17.00 -14.44 0.36
CA VAL C 191 -17.05 -15.91 0.23
C VAL C 191 -18.35 -16.38 0.87
N TYR C 192 -19.13 -17.17 0.16
CA TYR C 192 -20.38 -17.67 0.70
C TYR C 192 -20.15 -18.66 1.84
N THR C 193 -20.34 -18.19 3.07
CA THR C 193 -20.16 -19.02 4.27
C THR C 193 -21.23 -18.62 5.30
N PRO C 194 -21.33 -19.37 6.40
CA PRO C 194 -22.31 -19.06 7.44
C PRO C 194 -22.11 -17.66 8.02
N MET C 195 -20.91 -17.10 7.84
CA MET C 195 -20.63 -15.77 8.36
C MET C 195 -21.60 -14.75 7.77
N TRP C 196 -22.04 -15.00 6.54
CA TRP C 196 -22.98 -14.09 5.87
C TRP C 196 -24.44 -14.41 6.18
N GLY C 197 -24.71 -15.61 6.68
CA GLY C 197 -26.08 -15.98 6.97
C GLY C 197 -26.89 -15.83 5.70
N LYS C 198 -28.06 -15.20 5.82
CA LYS C 198 -28.97 -14.93 4.70
C LYS C 198 -28.75 -15.78 3.45
N VAL C 199 -28.88 -15.14 2.29
CA VAL C 199 -28.70 -15.81 1.00
C VAL C 199 -29.12 -14.94 -0.19
N ASP C 200 -29.89 -15.55 -1.09
CA ASP C 200 -30.39 -14.92 -2.31
C ASP C 200 -29.53 -15.43 -3.46
N ASP C 201 -30.08 -16.35 -4.24
CA ASP C 201 -29.37 -16.95 -5.37
C ASP C 201 -28.64 -15.92 -6.21
N GLU C 202 -29.13 -14.69 -6.21
CA GLU C 202 -28.53 -13.60 -6.98
C GLU C 202 -27.18 -13.18 -6.40
N MET C 203 -27.18 -12.69 -5.18
CA MET C 203 -25.94 -12.24 -4.54
C MET C 203 -25.01 -13.42 -4.29
N GLN C 204 -25.61 -14.60 -4.08
CA GLN C 204 -24.83 -15.81 -3.83
C GLN C 204 -24.03 -16.15 -5.08
N ALA C 205 -24.54 -15.75 -6.23
CA ALA C 205 -23.88 -15.99 -7.51
C ALA C 205 -22.73 -15.01 -7.74
N LEU C 206 -22.68 -13.96 -6.92
CA LEU C 206 -21.64 -12.95 -7.04
C LEU C 206 -20.61 -13.12 -5.94
N MET C 207 -20.52 -14.32 -5.38
CA MET C 207 -19.57 -14.60 -4.31
C MET C 207 -18.69 -15.77 -4.67
N MET C 208 -17.54 -15.88 -4.00
CA MET C 208 -16.66 -16.99 -4.23
C MET C 208 -17.15 -18.10 -3.30
N MET C 209 -16.63 -19.30 -3.48
CA MET C 209 -17.00 -20.42 -2.62
C MET C 209 -15.78 -20.77 -1.77
N PRO C 210 -16.01 -21.35 -0.57
CA PRO C 210 -14.93 -21.72 0.34
C PRO C 210 -13.82 -22.53 -0.33
N GLU C 211 -14.19 -23.49 -1.17
CA GLU C 211 -13.19 -24.32 -1.84
C GLU C 211 -12.25 -23.52 -2.75
N ASP C 212 -12.70 -22.36 -3.21
CA ASP C 212 -11.88 -21.52 -4.09
C ASP C 212 -10.73 -20.93 -3.28
N ILE C 213 -10.96 -20.74 -1.98
CA ILE C 213 -9.94 -20.18 -1.10
C ILE C 213 -9.02 -21.32 -0.61
N ALA C 214 -9.61 -22.46 -0.34
CA ALA C 214 -8.86 -23.61 0.16
C ALA C 214 -7.80 -24.12 -0.82
N ALA C 215 -8.12 -24.17 -2.10
CA ALA C 215 -7.16 -24.67 -3.09
C ALA C 215 -5.77 -24.01 -3.03
N PRO C 216 -5.71 -22.68 -3.16
CA PRO C 216 -4.44 -21.93 -3.13
C PRO C 216 -3.70 -22.06 -1.79
N VAL C 217 -4.46 -22.18 -0.70
CA VAL C 217 -3.86 -22.32 0.62
C VAL C 217 -3.05 -23.62 0.66
N VAL C 218 -3.68 -24.71 0.25
CA VAL C 218 -3.00 -26.00 0.27
C VAL C 218 -1.84 -26.01 -0.72
N GLN C 219 -2.03 -25.43 -1.90
CA GLN C 219 -0.95 -25.38 -2.89
C GLN C 219 0.25 -24.63 -2.34
N ALA C 220 -0.01 -23.57 -1.56
CA ALA C 220 1.07 -22.77 -1.00
C ALA C 220 1.86 -23.58 0.02
N TYR C 221 1.18 -24.45 0.76
CA TYR C 221 1.86 -25.25 1.75
C TYR C 221 2.72 -26.31 1.05
N LEU C 222 2.22 -26.83 -0.07
CA LEU C 222 2.94 -27.86 -0.81
C LEU C 222 4.14 -27.36 -1.61
N GLN C 223 4.33 -26.06 -1.68
CA GLN C 223 5.48 -25.50 -2.38
C GLN C 223 6.73 -25.98 -1.65
N PRO C 224 7.87 -26.08 -2.37
CA PRO C 224 9.11 -26.52 -1.72
C PRO C 224 9.44 -25.48 -0.63
N SER C 225 10.11 -25.90 0.43
CA SER C 225 10.44 -25.00 1.53
C SER C 225 11.17 -23.72 1.14
N ARG C 226 11.85 -23.73 -0.01
CA ARG C 226 12.59 -22.57 -0.49
C ARG C 226 11.71 -21.40 -0.86
N THR C 227 10.45 -21.68 -1.13
CA THR C 227 9.52 -20.66 -1.59
C THR C 227 8.30 -20.42 -0.73
N VAL C 228 8.01 -19.14 -0.50
CA VAL C 228 6.82 -18.77 0.28
C VAL C 228 5.88 -17.89 -0.54
N VAL C 229 4.62 -18.30 -0.60
CA VAL C 229 3.60 -17.50 -1.26
C VAL C 229 3.24 -16.55 -0.11
N GLU C 230 3.79 -15.35 -0.15
CA GLU C 230 3.56 -14.39 0.93
C GLU C 230 2.15 -13.85 1.03
N GLU C 231 1.54 -13.58 -0.12
CA GLU C 231 0.18 -13.05 -0.13
C GLU C 231 -0.63 -13.60 -1.28
N ILE C 232 -1.91 -13.84 -1.03
CA ILE C 232 -2.81 -14.32 -2.07
C ILE C 232 -4.09 -13.51 -1.89
N ILE C 233 -4.46 -12.73 -2.90
CA ILE C 233 -5.68 -11.93 -2.82
C ILE C 233 -6.70 -12.50 -3.80
N LEU C 234 -7.88 -12.82 -3.31
CA LEU C 234 -8.93 -13.38 -4.16
C LEU C 234 -10.21 -12.59 -4.04
N ARG C 235 -10.90 -12.43 -5.17
CA ARG C 235 -12.16 -11.71 -5.18
C ARG C 235 -13.12 -12.28 -6.21
N PRO C 236 -14.40 -11.92 -6.10
CA PRO C 236 -15.35 -12.40 -7.09
C PRO C 236 -14.89 -11.66 -8.35
N THR C 237 -15.05 -12.26 -9.52
CA THR C 237 -14.61 -11.61 -10.75
C THR C 237 -15.25 -10.24 -10.95
N SER C 238 -16.47 -10.07 -10.46
CA SER C 238 -17.18 -8.79 -10.61
C SER C 238 -16.81 -7.77 -9.52
N GLY C 239 -15.87 -8.13 -8.65
CA GLY C 239 -15.44 -7.22 -7.60
C GLY C 239 -16.19 -7.32 -6.28
N ASP C 240 -15.89 -6.41 -5.36
CA ASP C 240 -16.56 -6.42 -4.06
C ASP C 240 -18.04 -6.10 -4.21
N ILE C 241 -18.86 -6.71 -3.34
CA ILE C 241 -20.30 -6.49 -3.38
C ILE C 241 -20.75 -5.30 -2.55
N LYS D 2 -15.92 31.15 17.20
CA LYS D 2 -15.10 30.26 18.07
C LYS D 2 -14.97 28.86 17.47
N HIS D 3 -13.74 28.36 17.41
CA HIS D 3 -13.50 27.01 16.91
C HIS D 3 -13.33 26.14 18.14
N ILE D 4 -14.14 25.10 18.24
CA ILE D 4 -14.07 24.20 19.39
C ILE D 4 -13.18 23.01 19.05
N LEU D 5 -12.04 22.91 19.72
CA LEU D 5 -11.11 21.83 19.46
C LEU D 5 -10.87 20.96 20.68
N LEU D 6 -10.89 19.65 20.47
CA LEU D 6 -10.63 18.70 21.55
C LEU D 6 -9.35 17.95 21.17
N ILE D 7 -8.34 18.04 22.03
CA ILE D 7 -7.08 17.37 21.79
C ILE D 7 -6.84 16.39 22.92
N THR D 8 -6.75 15.10 22.61
CA THR D 8 -6.49 14.10 23.65
C THR D 8 -4.98 13.90 23.76
N GLY D 9 -4.53 13.49 24.94
CA GLY D 9 -3.09 13.31 25.17
C GLY D 9 -2.39 14.64 25.08
N ALA D 10 -3.06 15.71 25.50
CA ALA D 10 -2.51 17.05 25.42
C ALA D 10 -1.48 17.40 26.48
N GLY D 11 -1.29 16.51 27.45
CA GLY D 11 -0.36 16.79 28.54
C GLY D 11 1.13 16.61 28.26
N LYS D 12 1.46 15.76 27.30
CA LYS D 12 2.85 15.51 26.96
C LYS D 12 3.07 15.38 25.46
N GLY D 13 4.36 15.33 25.09
CA GLY D 13 4.78 15.15 23.71
C GLY D 13 4.09 15.83 22.54
N ILE D 14 3.68 15.03 21.58
CA ILE D 14 3.02 15.52 20.38
C ILE D 14 1.72 16.26 20.64
N GLY D 15 0.87 15.69 21.51
CA GLY D 15 -0.40 16.32 21.84
C GLY D 15 -0.17 17.70 22.45
N ARG D 16 0.80 17.80 23.33
CA ARG D 16 1.13 19.06 23.97
C ARG D 16 1.59 20.08 22.93
N ALA D 17 2.44 19.62 22.02
CA ALA D 17 2.96 20.48 20.95
C ALA D 17 1.86 20.98 20.02
N ILE D 18 0.87 20.14 19.75
CA ILE D 18 -0.23 20.52 18.88
C ILE D 18 -1.06 21.61 19.56
N ALA D 19 -1.30 21.44 20.86
CA ALA D 19 -2.07 22.44 21.61
C ALA D 19 -1.38 23.80 21.54
N LEU D 20 -0.07 23.82 21.83
CA LEU D 20 0.68 25.07 21.80
C LEU D 20 0.73 25.71 20.40
N GLU D 21 0.85 24.88 19.37
CA GLU D 21 0.90 25.40 18.01
C GLU D 21 -0.44 26.05 17.65
N PHE D 22 -1.55 25.45 18.07
CA PHE D 22 -2.85 26.02 17.77
C PHE D 22 -2.98 27.36 18.49
N ALA D 23 -2.52 27.40 19.73
CA ALA D 23 -2.57 28.63 20.53
C ALA D 23 -1.76 29.73 19.86
N ARG D 24 -0.56 29.39 19.41
CA ARG D 24 0.32 30.36 18.75
C ARG D 24 -0.23 30.78 17.40
N ALA D 25 -0.85 29.85 16.68
CA ALA D 25 -1.41 30.17 15.37
C ALA D 25 -2.52 31.20 15.49
N ALA D 26 -3.31 31.10 16.55
CA ALA D 26 -4.41 32.02 16.78
C ALA D 26 -3.90 33.41 17.11
N ARG D 27 -2.78 33.46 17.83
CA ARG D 27 -2.18 34.73 18.22
C ARG D 27 -1.72 35.53 17.01
N HIS D 28 -1.58 34.86 15.87
CA HIS D 28 -1.15 35.51 14.64
C HIS D 28 -2.18 35.41 13.53
N HIS D 29 -3.28 34.71 13.79
CA HIS D 29 -4.35 34.54 12.82
C HIS D 29 -5.65 35.04 13.44
N PRO D 30 -5.84 36.38 13.45
CA PRO D 30 -7.01 37.05 14.01
C PRO D 30 -8.36 36.36 13.83
N ASP D 31 -8.73 36.05 12.59
CA ASP D 31 -9.98 35.38 12.31
C ASP D 31 -10.14 34.03 13.01
N PHE D 32 -9.03 33.50 13.52
CA PHE D 32 -9.05 32.20 14.19
C PHE D 32 -9.05 32.32 15.72
N GLU D 33 -10.20 32.05 16.32
CA GLU D 33 -10.36 32.12 17.78
C GLU D 33 -10.78 30.75 18.33
N PRO D 34 -9.80 29.94 18.74
CA PRO D 34 -10.11 28.61 19.27
C PRO D 34 -10.30 28.47 20.77
N VAL D 35 -11.06 27.45 21.14
CA VAL D 35 -11.27 27.10 22.53
C VAL D 35 -10.55 25.76 22.54
N LEU D 36 -9.45 25.69 23.26
CA LEU D 36 -8.69 24.45 23.32
C LEU D 36 -9.13 23.56 24.47
N VAL D 37 -9.91 22.52 24.17
CA VAL D 37 -10.35 21.59 25.20
C VAL D 37 -9.25 20.55 25.25
N LEU D 38 -8.52 20.54 26.37
CA LEU D 38 -7.37 19.66 26.54
C LEU D 38 -7.66 18.53 27.51
N SER D 39 -7.29 17.32 27.12
CA SER D 39 -7.53 16.16 27.97
C SER D 39 -6.38 15.15 27.94
N SER D 40 -6.21 14.48 29.08
CA SER D 40 -5.20 13.44 29.25
C SER D 40 -5.51 12.82 30.62
N ARG D 41 -4.73 11.83 31.01
CA ARG D 41 -4.97 11.17 32.30
C ARG D 41 -4.38 11.89 33.51
N THR D 42 -3.57 12.91 33.27
CA THR D 42 -2.90 13.63 34.36
C THR D 42 -3.30 15.10 34.49
N ALA D 43 -4.13 15.41 35.49
CA ALA D 43 -4.58 16.79 35.71
C ALA D 43 -3.42 17.78 35.77
N ALA D 44 -2.38 17.42 36.52
CA ALA D 44 -1.21 18.29 36.66
C ALA D 44 -0.62 18.70 35.30
N ASP D 45 -0.56 17.76 34.36
CA ASP D 45 -0.03 18.07 33.03
C ASP D 45 -0.94 19.05 32.33
N LEU D 46 -2.24 18.83 32.44
CA LEU D 46 -3.23 19.69 31.79
C LEU D 46 -3.16 21.11 32.34
N GLU D 47 -2.96 21.24 33.64
CA GLU D 47 -2.88 22.55 34.26
C GLU D 47 -1.70 23.33 33.68
N LYS D 48 -0.57 22.65 33.51
CA LYS D 48 0.63 23.29 32.99
C LYS D 48 0.49 23.71 31.52
N ILE D 49 0.05 22.81 30.65
CA ILE D 49 -0.10 23.18 29.25
C ILE D 49 -1.22 24.19 29.06
N SER D 50 -2.26 24.08 29.88
CA SER D 50 -3.38 25.01 29.83
C SER D 50 -2.86 26.42 30.08
N LEU D 51 -2.01 26.55 31.08
CA LEU D 51 -1.42 27.83 31.44
C LEU D 51 -0.57 28.37 30.27
N GLU D 52 0.23 27.49 29.67
CA GLU D 52 1.07 27.88 28.55
C GLU D 52 0.25 28.35 27.37
N CYS D 53 -0.88 27.71 27.11
CA CYS D 53 -1.74 28.10 26.00
C CYS D 53 -2.45 29.43 26.27
N ARG D 54 -2.86 29.64 27.52
CA ARG D 54 -3.52 30.89 27.87
C ARG D 54 -2.50 32.02 27.81
N ALA D 55 -1.23 31.69 28.05
CA ALA D 55 -0.17 32.68 28.00
C ALA D 55 -0.04 33.22 26.58
N GLU D 56 -0.48 32.41 25.61
CA GLU D 56 -0.45 32.80 24.20
C GLU D 56 -1.72 33.55 23.83
N GLY D 57 -2.68 33.59 24.74
CA GLY D 57 -3.93 34.28 24.50
C GLY D 57 -5.08 33.39 24.07
N ALA D 58 -4.91 32.08 24.16
CA ALA D 58 -5.96 31.15 23.78
C ALA D 58 -6.84 30.74 24.95
N LEU D 59 -8.12 30.51 24.66
CA LEU D 59 -9.07 30.06 25.67
C LEU D 59 -8.86 28.57 25.85
N THR D 60 -8.98 28.08 27.09
CA THR D 60 -8.78 26.67 27.35
C THR D 60 -9.85 26.07 28.23
N ASP D 61 -9.92 24.75 28.23
CA ASP D 61 -10.87 24.00 29.03
C ASP D 61 -10.20 22.65 29.27
N THR D 62 -9.81 22.38 30.51
CA THR D 62 -9.15 21.13 30.84
C THR D 62 -10.10 20.09 31.39
N ILE D 63 -9.94 18.85 30.94
CA ILE D 63 -10.78 17.77 31.43
C ILE D 63 -9.94 16.50 31.55
N THR D 64 -9.80 16.01 32.76
CA THR D 64 -9.02 14.80 33.00
C THR D 64 -9.87 13.61 32.62
N ALA D 65 -9.35 12.77 31.72
CA ALA D 65 -10.09 11.60 31.28
C ALA D 65 -9.18 10.53 30.72
N ASP D 66 -9.54 9.28 30.97
CA ASP D 66 -8.80 8.13 30.48
C ASP D 66 -9.70 7.52 29.40
N ILE D 67 -9.36 7.69 28.12
CA ILE D 67 -10.23 7.16 27.09
C ILE D 67 -10.34 5.64 27.06
N SER D 68 -9.53 4.94 27.85
CA SER D 68 -9.61 3.48 27.88
C SER D 68 -10.78 3.08 28.78
N ASP D 69 -11.29 4.04 29.53
CA ASP D 69 -12.42 3.86 30.44
C ASP D 69 -13.64 4.40 29.72
N MET D 70 -14.55 3.52 29.32
CA MET D 70 -15.74 3.95 28.59
C MET D 70 -16.54 5.02 29.33
N ALA D 71 -16.46 5.01 30.66
CA ALA D 71 -17.17 5.99 31.47
C ALA D 71 -16.60 7.38 31.18
N ASP D 72 -15.28 7.46 31.03
CA ASP D 72 -14.65 8.75 30.75
C ASP D 72 -14.94 9.18 29.31
N VAL D 73 -15.04 8.22 28.39
CA VAL D 73 -15.36 8.57 27.01
C VAL D 73 -16.73 9.24 27.03
N ARG D 74 -17.63 8.71 27.85
CA ARG D 74 -18.97 9.25 27.97
C ARG D 74 -18.93 10.65 28.55
N ARG D 75 -18.08 10.86 29.55
CA ARG D 75 -17.96 12.16 30.19
C ARG D 75 -17.42 13.20 29.21
N LEU D 76 -16.41 12.81 28.43
CA LEU D 76 -15.83 13.71 27.44
C LEU D 76 -16.88 14.15 26.44
N THR D 77 -17.64 13.18 25.93
CA THR D 77 -18.68 13.47 24.96
C THR D 77 -19.72 14.40 25.57
N THR D 78 -20.19 14.05 26.76
CA THR D 78 -21.19 14.85 27.45
C THR D 78 -20.69 16.28 27.69
N HIS D 79 -19.40 16.41 27.99
CA HIS D 79 -18.81 17.72 28.22
C HIS D 79 -18.95 18.59 26.97
N ILE D 80 -18.56 18.04 25.83
CA ILE D 80 -18.63 18.78 24.58
C ILE D 80 -20.09 19.13 24.25
N VAL D 81 -20.97 18.16 24.37
CA VAL D 81 -22.38 18.36 24.06
C VAL D 81 -23.07 19.41 24.95
N GLU D 82 -22.86 19.31 26.26
CA GLU D 82 -23.51 20.25 27.18
C GLU D 82 -22.86 21.62 27.30
N ARG D 83 -21.53 21.67 27.19
CA ARG D 83 -20.84 22.95 27.33
C ARG D 83 -20.63 23.72 26.03
N TYR D 84 -20.55 23.02 24.92
CA TYR D 84 -20.34 23.68 23.63
C TYR D 84 -21.41 23.33 22.59
N GLY D 85 -21.92 22.10 22.64
CA GLY D 85 -22.93 21.64 21.71
C GLY D 85 -22.45 21.61 20.27
N HIS D 86 -21.15 21.73 20.09
CA HIS D 86 -20.57 21.77 18.75
C HIS D 86 -19.08 21.40 18.86
N ILE D 87 -18.56 20.73 17.85
CA ILE D 87 -17.13 20.38 17.85
C ILE D 87 -16.60 20.57 16.43
N ASP D 88 -15.54 21.36 16.31
CA ASP D 88 -14.95 21.65 15.01
C ASP D 88 -13.74 20.79 14.70
N CYS D 89 -13.04 20.37 15.73
CA CYS D 89 -11.86 19.56 15.52
C CYS D 89 -11.59 18.59 16.66
N LEU D 90 -11.34 17.33 16.30
CA LEU D 90 -11.01 16.31 17.26
C LEU D 90 -9.63 15.81 16.86
N VAL D 91 -8.68 15.87 17.79
CA VAL D 91 -7.34 15.39 17.50
C VAL D 91 -7.13 14.13 18.34
N ASN D 92 -7.29 12.97 17.71
CA ASN D 92 -7.10 11.71 18.41
C ASN D 92 -5.61 11.44 18.50
N ASN D 93 -4.98 12.05 19.50
CA ASN D 93 -3.54 11.90 19.72
C ASN D 93 -3.19 10.88 20.81
N ALA D 94 -4.02 10.79 21.85
CA ALA D 94 -3.76 9.87 22.96
C ALA D 94 -3.41 8.48 22.45
N GLY D 95 -2.33 7.94 22.97
CA GLY D 95 -1.91 6.62 22.57
C GLY D 95 -0.80 6.12 23.48
N VAL D 96 -0.62 4.81 23.52
CA VAL D 96 0.41 4.21 24.34
C VAL D 96 1.15 3.16 23.54
N GLY D 97 2.28 2.73 24.09
CA GLY D 97 3.07 1.72 23.42
C GLY D 97 3.75 0.80 24.42
N ARG D 98 3.69 -0.49 24.15
CA ARG D 98 4.32 -1.49 24.99
C ARG D 98 5.17 -2.27 23.98
N PHE D 99 6.49 -2.15 24.10
CA PHE D 99 7.40 -2.81 23.17
C PHE D 99 8.21 -3.92 23.81
N GLY D 100 8.66 -4.85 22.97
CA GLY D 100 9.45 -5.96 23.46
C GLY D 100 9.51 -7.08 22.46
N ALA D 101 10.37 -8.07 22.72
CA ALA D 101 10.50 -9.22 21.84
C ALA D 101 9.15 -9.93 21.82
N LEU D 102 8.79 -10.51 20.67
CA LEU D 102 7.53 -11.22 20.54
C LEU D 102 7.20 -12.11 21.74
N SER D 103 8.18 -12.94 22.13
CA SER D 103 7.98 -13.87 23.23
C SER D 103 7.84 -13.26 24.62
N ASP D 104 8.22 -12.01 24.78
CA ASP D 104 8.13 -11.35 26.09
C ASP D 104 6.87 -10.55 26.34
N LEU D 105 6.09 -10.30 25.29
CA LEU D 105 4.86 -9.53 25.44
C LEU D 105 3.78 -10.29 26.19
N THR D 106 3.09 -9.60 27.09
CA THR D 106 2.06 -10.18 27.93
C THR D 106 0.63 -9.77 27.59
N GLU D 107 -0.32 -10.45 28.22
CA GLU D 107 -1.73 -10.15 28.01
C GLU D 107 -1.98 -8.72 28.48
N GLU D 108 -1.29 -8.32 29.54
CA GLU D 108 -1.45 -6.97 30.07
C GLU D 108 -0.95 -5.96 29.05
N ASP D 109 0.16 -6.28 28.37
CA ASP D 109 0.71 -5.39 27.36
C ASP D 109 -0.31 -5.24 26.25
N PHE D 110 -0.94 -6.35 25.88
CA PHE D 110 -1.94 -6.35 24.83
C PHE D 110 -3.17 -5.54 25.22
N ASP D 111 -3.76 -5.85 26.37
CA ASP D 111 -4.94 -5.12 26.82
C ASP D 111 -4.68 -3.63 26.98
N TYR D 112 -3.57 -3.27 27.60
CA TYR D 112 -3.22 -1.87 27.82
C TYR D 112 -3.13 -1.12 26.50
N THR D 113 -2.48 -1.73 25.52
CA THR D 113 -2.30 -1.09 24.22
C THR D 113 -3.63 -0.93 23.49
N MET D 114 -4.40 -2.01 23.37
CA MET D 114 -5.66 -1.95 22.65
C MET D 114 -6.76 -1.11 23.29
N ASN D 115 -6.85 -1.14 24.61
CA ASN D 115 -7.88 -0.38 25.31
C ASN D 115 -7.81 1.12 25.02
N THR D 116 -6.60 1.62 24.80
CA THR D 116 -6.43 3.04 24.49
C THR D 116 -6.37 3.28 22.98
N ASN D 117 -5.39 2.68 22.32
CA ASN D 117 -5.19 2.88 20.90
C ASN D 117 -6.37 2.53 20.00
N LEU D 118 -7.06 1.43 20.30
CA LEU D 118 -8.20 1.04 19.48
C LEU D 118 -9.57 1.29 20.10
N LYS D 119 -9.80 0.77 21.30
CA LYS D 119 -11.11 0.92 21.93
C LYS D 119 -11.50 2.36 22.25
N GLY D 120 -10.71 3.03 23.07
CA GLY D 120 -11.02 4.41 23.41
C GLY D 120 -11.09 5.30 22.19
N THR D 121 -10.14 5.13 21.28
CA THR D 121 -10.11 5.93 20.08
C THR D 121 -11.37 5.73 19.24
N PHE D 122 -11.83 4.48 19.14
CA PHE D 122 -13.02 4.20 18.36
C PHE D 122 -14.27 4.82 18.96
N PHE D 123 -14.51 4.58 20.24
CA PHE D 123 -15.71 5.11 20.84
C PHE D 123 -15.75 6.63 20.98
N LEU D 124 -14.60 7.26 21.14
CA LEU D 124 -14.60 8.72 21.22
C LEU D 124 -14.91 9.25 19.82
N THR D 125 -14.35 8.61 18.81
CA THR D 125 -14.59 8.99 17.42
C THR D 125 -16.05 8.79 17.07
N GLN D 126 -16.59 7.63 17.44
CA GLN D 126 -17.98 7.31 17.16
C GLN D 126 -18.90 8.40 17.71
N ALA D 127 -18.69 8.75 18.98
CA ALA D 127 -19.53 9.74 19.64
C ALA D 127 -19.43 11.15 19.09
N LEU D 128 -18.21 11.63 18.87
CA LEU D 128 -18.06 12.99 18.37
C LEU D 128 -18.30 13.16 16.87
N PHE D 129 -18.07 12.10 16.09
CA PHE D 129 -18.33 12.21 14.66
C PHE D 129 -19.84 12.44 14.49
N ALA D 130 -20.63 11.85 15.39
CA ALA D 130 -22.08 12.00 15.33
C ALA D 130 -22.47 13.48 15.31
N LEU D 131 -21.76 14.30 16.10
CA LEU D 131 -22.04 15.74 16.12
C LEU D 131 -21.64 16.38 14.80
N MET D 132 -20.46 16.02 14.30
CA MET D 132 -19.96 16.57 13.05
C MET D 132 -20.87 16.21 11.88
N GLU D 133 -21.45 15.01 11.95
CA GLU D 133 -22.33 14.52 10.91
C GLU D 133 -23.57 15.42 10.84
N ARG D 134 -24.06 15.85 12.00
CA ARG D 134 -25.23 16.72 12.07
C ARG D 134 -24.88 18.15 11.68
N GLN D 135 -23.64 18.55 11.93
CA GLN D 135 -23.17 19.91 11.61
C GLN D 135 -22.82 20.03 10.14
N HIS D 136 -22.49 18.90 9.52
CA HIS D 136 -22.04 18.89 8.14
C HIS D 136 -20.77 19.71 8.06
N SER D 137 -19.93 19.55 9.09
CA SER D 137 -18.65 20.23 9.16
C SER D 137 -17.85 19.60 10.30
N GLY D 138 -16.53 19.68 10.20
CA GLY D 138 -15.68 19.11 11.24
C GLY D 138 -14.41 18.55 10.67
N HIS D 139 -13.41 18.36 11.53
CA HIS D 139 -12.12 17.83 11.10
C HIS D 139 -11.61 16.90 12.19
N ILE D 140 -11.26 15.67 11.80
CA ILE D 140 -10.74 14.73 12.76
C ILE D 140 -9.32 14.36 12.36
N PHE D 141 -8.39 14.49 13.29
CA PHE D 141 -7.01 14.12 13.05
C PHE D 141 -6.75 12.84 13.83
N PHE D 142 -5.99 11.94 13.22
CA PHE D 142 -5.61 10.70 13.90
C PHE D 142 -4.10 10.69 13.86
N ILE D 143 -3.47 10.61 15.03
CA ILE D 143 -2.02 10.54 15.04
C ILE D 143 -1.74 9.05 15.09
N THR D 144 -1.47 8.43 13.95
CA THR D 144 -1.19 7.01 13.95
C THR D 144 0.32 6.81 14.08
N SER D 145 0.98 6.44 12.99
CA SER D 145 2.43 6.23 13.02
C SER D 145 2.90 5.58 11.72
N VAL D 146 4.21 5.62 11.46
CA VAL D 146 4.70 4.95 10.28
C VAL D 146 4.49 3.46 10.56
N ALA D 147 4.30 3.14 11.85
CA ALA D 147 4.08 1.77 12.30
C ALA D 147 2.68 1.28 11.93
N ALA D 148 1.91 2.14 11.28
CA ALA D 148 0.57 1.79 10.84
C ALA D 148 0.65 1.13 9.47
N THR D 149 1.81 1.23 8.83
CA THR D 149 2.00 0.63 7.51
C THR D 149 3.31 -0.15 7.36
N LYS D 150 4.14 -0.11 8.40
CA LYS D 150 5.42 -0.81 8.41
C LYS D 150 5.60 -1.50 9.77
N ALA D 151 6.15 -2.70 9.74
CA ALA D 151 6.38 -3.43 10.98
C ALA D 151 7.79 -3.24 11.52
N PHE D 152 7.94 -3.42 12.83
CA PHE D 152 9.23 -3.33 13.52
C PHE D 152 9.26 -4.50 14.50
N ARG D 153 10.42 -5.13 14.62
CA ARG D 153 10.61 -6.30 15.49
C ARG D 153 9.97 -6.28 16.88
N HIS D 154 10.21 -5.22 17.66
CA HIS D 154 9.63 -5.17 19.00
C HIS D 154 8.27 -4.50 19.05
N SER D 155 7.63 -4.33 17.89
CA SER D 155 6.34 -3.66 17.84
C SER D 155 5.18 -4.53 17.36
N SER D 156 5.21 -5.82 17.66
CA SER D 156 4.10 -6.68 17.20
C SER D 156 2.75 -6.16 17.68
N ILE D 157 2.61 -5.91 18.98
CA ILE D 157 1.35 -5.42 19.51
C ILE D 157 1.10 -3.97 19.10
N TYR D 158 2.15 -3.15 19.13
CA TYR D 158 2.01 -1.75 18.76
C TYR D 158 1.55 -1.64 17.30
N CYS D 159 2.15 -2.45 16.42
CA CYS D 159 1.77 -2.42 15.01
C CYS D 159 0.35 -2.92 14.81
N MET D 160 -0.07 -3.94 15.55
CA MET D 160 -1.45 -4.40 15.42
C MET D 160 -2.37 -3.22 15.75
N SER D 161 -2.02 -2.46 16.79
CA SER D 161 -2.85 -1.34 17.18
C SER D 161 -2.82 -0.16 16.22
N LYS D 162 -1.66 0.11 15.63
CA LYS D 162 -1.56 1.23 14.69
C LYS D 162 -2.12 0.89 13.32
N PHE D 163 -1.89 -0.34 12.85
CA PHE D 163 -2.47 -0.76 11.58
C PHE D 163 -3.99 -0.69 11.83
N GLY D 164 -4.40 -1.13 13.02
CA GLY D 164 -5.81 -1.11 13.38
C GLY D 164 -6.41 0.30 13.33
N GLN D 165 -5.67 1.28 13.83
CA GLN D 165 -6.17 2.66 13.80
C GLN D 165 -6.35 3.09 12.34
N ARG D 166 -5.43 2.67 11.47
CA ARG D 166 -5.55 3.04 10.05
C ARG D 166 -6.84 2.47 9.48
N GLY D 167 -7.22 1.29 9.94
CA GLY D 167 -8.45 0.68 9.48
C GLY D 167 -9.63 1.57 9.82
N LEU D 168 -9.61 2.14 11.03
CA LEU D 168 -10.69 3.03 11.44
C LEU D 168 -10.64 4.31 10.59
N VAL D 169 -9.45 4.85 10.39
CA VAL D 169 -9.27 6.06 9.58
C VAL D 169 -9.89 5.87 8.20
N GLU D 170 -9.53 4.77 7.55
CA GLU D 170 -10.05 4.51 6.22
C GLU D 170 -11.56 4.35 6.18
N THR D 171 -12.14 3.77 7.23
CA THR D 171 -13.59 3.62 7.26
C THR D 171 -14.22 4.99 7.46
N MET D 172 -13.62 5.82 8.33
CA MET D 172 -14.16 7.16 8.57
C MET D 172 -14.18 8.02 7.29
N ARG D 173 -13.22 7.80 6.40
CA ARG D 173 -13.20 8.58 5.16
C ARG D 173 -14.47 8.37 4.36
N LEU D 174 -15.01 7.15 4.42
CA LEU D 174 -16.22 6.84 3.68
C LEU D 174 -17.41 7.62 4.21
N TYR D 175 -17.47 7.78 5.53
CA TYR D 175 -18.56 8.53 6.18
C TYR D 175 -18.36 10.03 6.01
N ALA D 176 -17.12 10.47 6.20
CA ALA D 176 -16.78 11.89 6.12
C ALA D 176 -17.04 12.57 4.78
N ARG D 177 -16.74 11.90 3.67
CA ARG D 177 -16.94 12.54 2.37
C ARG D 177 -18.38 12.88 2.04
N LYS D 178 -19.33 12.30 2.76
CA LYS D 178 -20.74 12.56 2.52
C LYS D 178 -21.26 13.63 3.45
N CYS D 179 -20.48 13.98 4.47
CA CYS D 179 -20.88 14.96 5.47
C CYS D 179 -19.99 16.21 5.57
N ASN D 180 -19.18 16.47 4.56
CA ASN D 180 -18.30 17.64 4.56
C ASN D 180 -17.32 17.65 5.73
N VAL D 181 -16.88 16.46 6.17
CA VAL D 181 -15.95 16.37 7.27
C VAL D 181 -14.56 15.97 6.73
N ARG D 182 -13.51 16.55 7.29
CA ARG D 182 -12.15 16.26 6.84
C ARG D 182 -11.47 15.25 7.76
N ILE D 183 -10.76 14.30 7.16
CA ILE D 183 -10.06 13.26 7.90
C ILE D 183 -8.58 13.30 7.57
N THR D 184 -7.74 13.56 8.58
CA THR D 184 -6.30 13.62 8.37
C THR D 184 -5.58 12.55 9.19
N ASP D 185 -4.72 11.79 8.52
CA ASP D 185 -3.96 10.71 9.15
C ASP D 185 -2.49 11.14 9.21
N VAL D 186 -2.02 11.50 10.41
CA VAL D 186 -0.63 11.92 10.60
C VAL D 186 0.18 10.69 10.98
N GLN D 187 1.21 10.39 10.19
CA GLN D 187 2.03 9.20 10.43
C GLN D 187 3.49 9.55 10.66
N PRO D 188 3.88 9.77 11.93
CA PRO D 188 5.27 10.10 12.18
C PRO D 188 6.18 8.93 12.51
N GLY D 189 7.46 9.14 12.27
CA GLY D 189 8.47 8.16 12.61
C GLY D 189 8.92 8.59 14.01
N ALA D 190 10.17 8.31 14.38
CA ALA D 190 10.65 8.65 15.73
C ALA D 190 10.61 10.13 16.13
N VAL D 191 9.90 10.41 17.22
CA VAL D 191 9.78 11.76 17.78
C VAL D 191 10.25 11.70 19.23
N TYR D 192 11.16 12.59 19.60
CA TYR D 192 11.65 12.61 20.98
C TYR D 192 10.57 13.12 21.92
N THR D 193 9.98 12.19 22.69
CA THR D 193 8.93 12.51 23.66
C THR D 193 9.04 11.57 24.86
N PRO D 194 8.25 11.79 25.92
CA PRO D 194 8.31 10.93 27.10
C PRO D 194 7.99 9.46 26.80
N MET D 195 7.36 9.22 25.65
CA MET D 195 7.01 7.85 25.28
C MET D 195 8.26 6.98 25.15
N TRP D 196 9.39 7.62 24.84
CA TRP D 196 10.64 6.88 24.68
C TRP D 196 11.43 6.69 25.97
N GLY D 197 11.15 7.51 26.97
CA GLY D 197 11.88 7.40 28.22
C GLY D 197 13.35 7.78 28.02
N LYS D 198 14.24 6.87 28.39
CA LYS D 198 15.69 7.06 28.29
C LYS D 198 16.17 7.94 27.13
N VAL D 199 16.68 7.30 26.07
CA VAL D 199 17.17 7.99 24.88
C VAL D 199 18.50 8.71 25.10
N ASP D 200 19.58 8.14 24.54
CA ASP D 200 20.91 8.71 24.66
C ASP D 200 20.98 10.01 23.86
N ASP D 201 22.04 10.79 24.08
CA ASP D 201 22.23 12.05 23.38
C ASP D 201 22.32 11.87 21.87
N GLU D 202 23.09 10.86 21.44
CA GLU D 202 23.27 10.58 20.03
C GLU D 202 21.96 10.12 19.38
N MET D 203 21.11 9.48 20.18
CA MET D 203 19.84 8.98 19.67
C MET D 203 18.84 10.12 19.48
N GLN D 204 18.90 11.11 20.36
CA GLN D 204 18.00 12.26 20.27
C GLN D 204 18.25 13.04 18.97
N ALA D 205 19.50 13.07 18.54
CA ALA D 205 19.87 13.78 17.32
C ALA D 205 19.33 13.08 16.07
N LEU D 206 18.91 11.84 16.21
CA LEU D 206 18.37 11.08 15.09
C LEU D 206 16.85 11.01 15.15
N MET D 207 16.24 11.92 15.91
CA MET D 207 14.79 11.95 16.04
C MET D 207 14.22 13.30 15.68
N MET D 208 12.93 13.33 15.39
CA MET D 208 12.24 14.57 15.08
C MET D 208 11.80 15.12 16.43
N MET D 209 11.37 16.38 16.46
CA MET D 209 10.88 16.99 17.69
C MET D 209 9.36 17.14 17.57
N PRO D 210 8.66 17.17 18.71
CA PRO D 210 7.19 17.31 18.71
C PRO D 210 6.67 18.48 17.87
N GLU D 211 7.33 19.63 17.98
CA GLU D 211 6.89 20.80 17.23
C GLU D 211 6.93 20.58 15.72
N ASP D 212 7.79 19.66 15.27
CA ASP D 212 7.92 19.35 13.84
C ASP D 212 6.62 18.72 13.33
N ILE D 213 5.97 17.96 14.21
CA ILE D 213 4.71 17.29 13.87
C ILE D 213 3.54 18.27 14.01
N ALA D 214 3.57 19.09 15.05
CA ALA D 214 2.50 20.04 15.32
C ALA D 214 2.27 21.08 14.21
N ALA D 215 3.35 21.57 13.62
CA ALA D 215 3.22 22.58 12.58
C ALA D 215 2.30 22.15 11.43
N PRO D 216 2.58 20.99 10.81
CA PRO D 216 1.76 20.49 9.70
C PRO D 216 0.31 20.21 10.11
N VAL D 217 0.10 19.78 11.35
CA VAL D 217 -1.23 19.49 11.83
C VAL D 217 -2.08 20.76 11.82
N VAL D 218 -1.55 21.82 12.41
CA VAL D 218 -2.28 23.08 12.45
C VAL D 218 -2.47 23.68 11.07
N GLN D 219 -1.44 23.57 10.22
CA GLN D 219 -1.57 24.12 8.87
C GLN D 219 -2.68 23.39 8.12
N ALA D 220 -2.79 22.08 8.36
CA ALA D 220 -3.82 21.28 7.70
C ALA D 220 -5.21 21.76 8.13
N TYR D 221 -5.36 22.09 9.41
CA TYR D 221 -6.65 22.56 9.90
C TYR D 221 -6.99 23.91 9.29
N LEU D 222 -5.97 24.75 9.11
CA LEU D 222 -6.17 26.08 8.55
C LEU D 222 -6.40 26.13 7.04
N GLN D 223 -6.30 24.98 6.38
CA GLN D 223 -6.56 24.91 4.94
C GLN D 223 -8.02 25.28 4.72
N PRO D 224 -8.36 25.84 3.54
CA PRO D 224 -9.77 26.17 3.31
C PRO D 224 -10.58 24.86 3.37
N SER D 225 -11.86 24.96 3.74
CA SER D 225 -12.72 23.78 3.87
C SER D 225 -12.80 22.88 2.64
N ARG D 226 -12.54 23.46 1.47
CA ARG D 226 -12.60 22.73 0.21
C ARG D 226 -11.50 21.66 0.09
N THR D 227 -10.45 21.80 0.88
CA THR D 227 -9.31 20.89 0.80
C THR D 227 -8.93 20.16 2.08
N VAL D 228 -8.61 18.87 1.93
CA VAL D 228 -8.19 18.07 3.07
C VAL D 228 -6.83 17.44 2.84
N VAL D 229 -5.95 17.61 3.81
CA VAL D 229 -4.64 16.98 3.77
C VAL D 229 -4.99 15.62 4.36
N GLU D 230 -5.20 14.64 3.50
CA GLU D 230 -5.60 13.31 3.96
C GLU D 230 -4.53 12.57 4.73
N GLU D 231 -3.28 12.71 4.30
CA GLU D 231 -2.19 12.01 4.97
C GLU D 231 -0.93 12.85 4.97
N ILE D 232 -0.17 12.74 6.06
CA ILE D 232 1.10 13.44 6.19
C ILE D 232 2.03 12.44 6.85
N ILE D 233 3.10 12.08 6.16
CA ILE D 233 4.08 11.14 6.70
C ILE D 233 5.37 11.90 6.96
N LEU D 234 5.85 11.82 8.21
CA LEU D 234 7.08 12.52 8.59
C LEU D 234 8.07 11.54 9.22
N ARG D 235 9.35 11.70 8.87
CA ARG D 235 10.39 10.85 9.42
C ARG D 235 11.67 11.65 9.62
N PRO D 236 12.62 11.10 10.40
CA PRO D 236 13.88 11.78 10.61
C PRO D 236 14.50 11.67 9.22
N THR D 237 15.31 12.64 8.81
CA THR D 237 15.91 12.59 7.48
C THR D 237 16.72 11.32 7.22
N SER D 238 17.35 10.78 8.26
CA SER D 238 18.16 9.57 8.09
C SER D 238 17.33 8.28 8.08
N GLY D 239 16.02 8.40 8.25
CA GLY D 239 15.16 7.22 8.23
C GLY D 239 14.82 6.69 9.61
N ASP D 240 14.14 5.53 9.64
CA ASP D 240 13.76 4.92 10.90
C ASP D 240 14.99 4.46 11.67
N ILE D 241 14.93 4.56 12.99
CA ILE D 241 16.05 4.16 13.84
C ILE D 241 16.45 2.71 13.57
#